data_3GQO
#
_entry.id   3GQO
#
_cell.length_a   74.000
_cell.length_b   87.200
_cell.length_c   105.000
_cell.angle_alpha   90.00
_cell.angle_beta   90.00
_cell.angle_gamma   90.00
#
_symmetry.space_group_name_H-M   'P 21 21 21'
#
loop_
_entity.id
_entity.type
_entity.pdbx_description
1 polymer 'Non-structural protein 3'
2 non-polymer ADENOSINE-5-DIPHOSPHORIBOSE
3 water water
#
_entity_poly.entity_id   1
_entity_poly.type   'polypeptide(L)'
_entity_poly.pdbx_seq_one_letter_code
;MKAPSYHVVRGDIATATEGVIINAANSKGQPGGGVCGALYKKFPESFDLQPIEVGKARLVKGAAKHIIHAVGPNFNKVSE
VEGDKQLAEAYESIAKIVNDNNYKSVAIPLLSTGIFSGNKDRLTQSLNHLLTALDTTDADVAIYCRDKKWEMTLKEAVAR
REHHHHHH
;
_entity_poly.pdbx_strand_id   A,B,C,D
#
loop_
_chem_comp.id
_chem_comp.type
_chem_comp.name
_chem_comp.formula
APR non-polymer ADENOSINE-5-DIPHOSPHORIBOSE 'C15 H23 N5 O14 P2'
#
# COMPACT_ATOMS: atom_id res chain seq x y z
N LYS A 2 3.39 1.51 10.34
CA LYS A 2 2.48 0.39 10.36
C LYS A 2 1.30 0.57 9.41
N ALA A 3 1.47 0.41 8.11
CA ALA A 3 0.34 0.62 7.21
C ALA A 3 -0.13 -0.58 6.40
N PRO A 4 -1.42 -0.82 6.41
CA PRO A 4 -1.94 -1.97 5.67
C PRO A 4 -2.24 -1.62 4.23
N SER A 5 -2.30 -2.65 3.39
CA SER A 5 -2.68 -2.49 1.98
C SER A 5 -3.92 -3.30 1.73
N TYR A 6 -4.75 -2.85 0.80
CA TYR A 6 -5.92 -3.63 0.39
C TYR A 6 -5.96 -3.75 -1.11
N HIS A 7 -6.26 -4.97 -1.57
CA HIS A 7 -6.59 -5.25 -2.95
C HIS A 7 -7.74 -6.19 -3.05
N VAL A 8 -8.46 -6.10 -4.13
CA VAL A 8 -9.65 -6.85 -4.31
C VAL A 8 -9.36 -8.02 -5.21
N VAL A 9 -10.01 -9.13 -4.96
CA VAL A 9 -9.87 -10.29 -5.80
C VAL A 9 -11.19 -10.96 -5.97
N ARG A 10 -11.64 -11.03 -7.20
CA ARG A 10 -12.84 -11.74 -7.54
C ARG A 10 -12.48 -13.19 -7.78
N GLY A 11 -12.91 -14.07 -6.87
CA GLY A 11 -12.65 -15.49 -7.01
C GLY A 11 -13.02 -16.28 -5.78
N ASP A 12 -12.72 -17.57 -5.83
CA ASP A 12 -12.98 -18.49 -4.77
C ASP A 12 -11.85 -18.33 -3.78
N ILE A 13 -12.20 -17.94 -2.55
CA ILE A 13 -11.21 -17.62 -1.52
C ILE A 13 -10.46 -18.88 -1.10
N ALA A 14 -11.04 -20.03 -1.42
CA ALA A 14 -10.36 -21.27 -1.12
C ALA A 14 -9.13 -21.45 -2.02
N THR A 15 -8.98 -20.58 -3.03
CA THR A 15 -7.79 -20.61 -3.90
C THR A 15 -6.82 -19.44 -3.68
N ALA A 16 -6.98 -18.72 -2.57
CA ALA A 16 -6.14 -17.58 -2.25
C ALA A 16 -4.73 -18.06 -1.99
N THR A 17 -3.73 -17.29 -2.45
CA THR A 17 -2.32 -17.66 -2.22
C THR A 17 -1.87 -17.26 -0.82
N GLU A 18 -2.58 -16.33 -0.18
CA GLU A 18 -2.25 -15.90 1.17
C GLU A 18 -2.15 -17.09 2.13
N GLY A 19 -1.15 -17.06 3.01
CA GLY A 19 -0.97 -18.14 3.98
C GLY A 19 -2.09 -18.19 4.99
N VAL A 20 -2.76 -17.04 5.17
CA VAL A 20 -3.81 -16.90 6.18
C VAL A 20 -5.11 -16.48 5.55
N ILE A 21 -6.13 -17.30 5.77
CA ILE A 21 -7.44 -17.05 5.18
C ILE A 21 -8.46 -16.88 6.27
N ILE A 22 -9.32 -15.89 6.13
CA ILE A 22 -10.42 -15.74 7.07
C ILE A 22 -11.61 -16.58 6.61
N ASN A 23 -12.18 -17.33 7.55
CA ASN A 23 -13.44 -18.02 7.30
C ASN A 23 -14.63 -17.24 7.87
N ALA A 24 -15.68 -17.11 7.08
CA ALA A 24 -16.94 -16.60 7.65
C ALA A 24 -17.63 -17.80 8.30
N ALA A 25 -17.53 -17.91 9.61
CA ALA A 25 -17.96 -19.11 10.29
C ALA A 25 -19.37 -18.98 10.92
N ASN A 26 -19.90 -20.10 11.45
CA ASN A 26 -21.06 -20.08 12.34
C ASN A 26 -20.64 -20.30 13.79
N SER A 27 -21.48 -19.92 14.73
CA SER A 27 -21.28 -20.18 16.16
C SER A 27 -20.93 -21.61 16.51
N LYS A 28 -21.36 -22.55 15.71
CA LYS A 28 -21.19 -23.92 16.03
C LYS A 28 -19.88 -24.44 15.54
N GLY A 29 -19.29 -23.69 14.63
CA GLY A 29 -17.99 -24.05 14.06
C GLY A 29 -18.07 -25.20 13.10
N GLN A 30 -19.24 -25.50 12.57
CA GLN A 30 -19.37 -26.61 11.61
C GLN A 30 -19.62 -26.11 10.19
N PRO A 31 -19.15 -26.84 9.18
CA PRO A 31 -19.39 -26.38 7.80
C PRO A 31 -20.88 -26.50 7.49
N GLY A 32 -21.47 -25.60 6.71
CA GLY A 32 -20.80 -24.57 5.96
C GLY A 32 -21.21 -24.66 4.50
N GLY A 33 -22.09 -23.77 4.07
CA GLY A 33 -22.22 -23.41 2.66
C GLY A 33 -21.32 -22.19 2.55
N GLY A 34 -21.47 -21.40 1.50
CA GLY A 34 -20.64 -20.18 1.38
C GLY A 34 -19.15 -20.45 1.39
N VAL A 35 -18.38 -19.49 1.89
CA VAL A 35 -16.91 -19.64 1.92
C VAL A 35 -16.47 -20.74 2.87
N CYS A 36 -17.22 -20.90 3.97
CA CYS A 36 -16.95 -21.95 4.94
C CYS A 36 -16.92 -23.33 4.30
N GLY A 37 -17.92 -23.62 3.47
CA GLY A 37 -18.01 -24.89 2.77
C GLY A 37 -16.91 -25.05 1.74
N ALA A 38 -16.42 -23.97 1.21
CA ALA A 38 -15.34 -24.00 0.26
C ALA A 38 -14.00 -24.21 0.90
N LEU A 39 -13.83 -23.75 2.11
CA LEU A 39 -12.62 -23.86 2.80
C LEU A 39 -12.54 -25.21 3.46
N TYR A 40 -13.66 -25.78 3.82
CA TYR A 40 -13.66 -27.07 4.41
C TYR A 40 -13.48 -28.11 3.34
N LYS A 41 -13.85 -27.77 2.14
CA LYS A 41 -13.64 -28.65 1.01
C LYS A 41 -12.15 -28.83 0.70
N LYS A 42 -11.35 -27.78 0.91
CA LYS A 42 -9.95 -27.85 0.53
C LYS A 42 -9.01 -28.04 1.73
N PHE A 43 -9.41 -27.49 2.88
CA PHE A 43 -8.55 -27.43 4.05
C PHE A 43 -9.23 -27.91 5.33
N PRO A 44 -9.70 -29.18 5.35
CA PRO A 44 -10.39 -29.66 6.55
C PRO A 44 -9.51 -29.60 7.79
N GLU A 45 -8.20 -29.66 7.59
CA GLU A 45 -7.22 -29.62 8.69
C GLU A 45 -7.34 -28.35 9.46
N SER A 46 -7.66 -27.28 8.76
CA SER A 46 -7.66 -25.98 9.38
C SER A 46 -9.01 -25.63 10.04
N PHE A 47 -9.81 -26.67 10.27
CA PHE A 47 -11.05 -26.57 11.02
C PHE A 47 -10.90 -27.39 12.31
N ASP A 48 -11.38 -26.85 13.43
CA ASP A 48 -11.38 -27.63 14.67
C ASP A 48 -12.79 -28.10 15.03
N LEU A 49 -13.78 -27.49 14.38
CA LEU A 49 -15.20 -27.86 14.58
C LEU A 49 -15.68 -27.61 16.00
N GLN A 50 -15.06 -26.65 16.67
CA GLN A 50 -15.51 -26.22 18.00
C GLN A 50 -16.32 -24.93 17.88
N PRO A 51 -17.30 -24.74 18.79
CA PRO A 51 -18.05 -23.49 18.83
C PRO A 51 -17.15 -22.25 18.86
N ILE A 52 -17.65 -21.16 18.31
CA ILE A 52 -17.01 -19.85 18.40
C ILE A 52 -18.11 -18.86 18.78
N GLU A 53 -17.86 -17.98 19.74
CA GLU A 53 -18.84 -16.95 20.07
C GLU A 53 -19.03 -15.99 18.90
N VAL A 54 -20.28 -15.56 18.69
CA VAL A 54 -20.59 -14.56 17.69
C VAL A 54 -19.72 -13.33 17.91
N GLY A 55 -19.10 -12.82 16.85
CA GLY A 55 -18.30 -11.61 16.94
C GLY A 55 -16.87 -11.93 17.35
N LYS A 56 -16.62 -13.22 17.59
CA LYS A 56 -15.27 -13.64 17.94
C LYS A 56 -14.62 -14.33 16.76
N ALA A 57 -13.38 -14.75 16.95
CA ALA A 57 -12.68 -15.44 15.89
C ALA A 57 -11.72 -16.42 16.55
N ARG A 58 -11.30 -17.42 15.80
CA ARG A 58 -10.28 -18.33 16.30
C ARG A 58 -9.38 -18.84 15.21
N LEU A 59 -8.08 -18.73 15.47
CA LEU A 59 -7.03 -19.26 14.60
C LEU A 59 -6.93 -20.78 14.69
N VAL A 60 -7.11 -21.45 13.57
CA VAL A 60 -6.78 -22.87 13.47
C VAL A 60 -5.70 -23.03 12.42
N LYS A 61 -4.61 -23.69 12.81
CA LYS A 61 -3.44 -23.90 11.96
C LYS A 61 -3.45 -25.28 11.31
N GLY A 62 -3.23 -25.32 10.00
CA GLY A 62 -2.98 -26.56 9.26
C GLY A 62 -1.68 -26.44 8.47
N ALA A 63 -1.24 -27.57 7.89
CA ALA A 63 0.02 -27.61 7.14
C ALA A 63 0.04 -26.60 5.99
N ALA A 64 -1.10 -26.45 5.32
CA ALA A 64 -1.20 -25.60 4.15
C ALA A 64 -1.65 -24.16 4.47
N LYS A 65 -2.65 -24.04 5.33
CA LYS A 65 -3.27 -22.75 5.61
C LYS A 65 -3.64 -22.56 7.07
N HIS A 66 -3.39 -21.35 7.56
CA HIS A 66 -3.92 -20.94 8.85
C HIS A 66 -5.24 -20.25 8.56
N ILE A 67 -6.34 -20.84 9.01
CA ILE A 67 -7.63 -20.19 8.88
C ILE A 67 -8.04 -19.47 10.15
N ILE A 68 -8.40 -18.20 10.03
CA ILE A 68 -9.03 -17.47 11.14
C ILE A 68 -10.53 -17.57 10.92
N HIS A 69 -11.17 -18.41 11.72
CA HIS A 69 -12.61 -18.61 11.60
C HIS A 69 -13.23 -17.48 12.39
N ALA A 70 -14.01 -16.64 11.71
CA ALA A 70 -14.62 -15.49 12.37
C ALA A 70 -16.13 -15.52 12.24
N VAL A 71 -16.83 -15.21 13.32
CA VAL A 71 -18.26 -15.32 13.30
C VAL A 71 -18.93 -13.95 13.21
N GLY A 72 -19.30 -13.58 11.99
CA GLY A 72 -20.19 -12.43 11.77
C GLY A 72 -21.62 -12.68 12.29
N PRO A 73 -22.37 -11.60 12.53
CA PRO A 73 -23.78 -11.76 12.88
C PRO A 73 -24.55 -12.47 11.79
N ASN A 74 -25.63 -13.13 12.19
CA ASN A 74 -26.62 -13.65 11.29
C ASN A 74 -27.78 -12.70 11.33
N PHE A 75 -27.94 -11.92 10.27
CA PHE A 75 -28.96 -10.87 10.25
C PHE A 75 -30.39 -11.42 10.15
N ASN A 76 -30.51 -12.73 10.10
CA ASN A 76 -31.81 -13.36 10.20
C ASN A 76 -32.27 -13.44 11.65
N LYS A 77 -31.32 -13.36 12.54
CA LYS A 77 -31.53 -13.57 13.94
C LYS A 77 -31.37 -12.35 14.80
N VAL A 78 -30.53 -11.45 14.39
CA VAL A 78 -30.25 -10.24 15.17
C VAL A 78 -30.74 -8.96 14.49
N SER A 79 -30.98 -7.94 15.30
CA SER A 79 -31.35 -6.62 14.82
C SER A 79 -30.20 -5.97 14.03
N GLU A 80 -30.51 -4.87 13.36
CA GLU A 80 -29.55 -4.17 12.54
C GLU A 80 -28.39 -3.58 13.35
N VAL A 81 -28.74 -3.01 14.51
CA VAL A 81 -27.82 -2.34 15.42
C VAL A 81 -26.90 -3.33 16.12
N GLU A 82 -27.51 -4.36 16.71
CA GLU A 82 -26.75 -5.38 17.41
C GLU A 82 -25.90 -6.16 16.42
N GLY A 83 -26.35 -6.20 15.17
CA GLY A 83 -25.62 -6.85 14.12
C GLY A 83 -24.41 -6.04 13.69
N ASP A 84 -24.57 -4.72 13.67
CA ASP A 84 -23.45 -3.87 13.29
C ASP A 84 -22.37 -3.91 14.36
N LYS A 85 -22.76 -4.19 15.56
CA LYS A 85 -21.80 -4.30 16.61
C LYS A 85 -21.02 -5.53 16.45
N GLN A 86 -21.72 -6.62 16.26
CA GLN A 86 -21.11 -7.94 16.14
C GLN A 86 -20.24 -8.05 14.91
N LEU A 87 -20.59 -7.29 13.88
CA LEU A 87 -19.83 -7.34 12.64
C LEU A 87 -18.51 -6.61 12.84
N ALA A 88 -18.58 -5.41 13.43
CA ALA A 88 -17.38 -4.71 13.88
C ALA A 88 -16.57 -5.62 14.79
N GLU A 89 -17.22 -6.14 15.83
CA GLU A 89 -16.63 -7.10 16.76
C GLU A 89 -15.89 -8.19 16.01
N ALA A 90 -16.53 -8.79 15.02
CA ALA A 90 -15.98 -9.94 14.32
C ALA A 90 -14.69 -9.59 13.60
N TYR A 91 -14.73 -8.48 12.88
CA TYR A 91 -13.57 -8.00 12.16
C TYR A 91 -12.44 -7.57 13.10
N GLU A 92 -12.81 -6.91 14.19
CA GLU A 92 -11.84 -6.50 15.20
C GLU A 92 -11.11 -7.71 15.77
N SER A 93 -11.83 -8.81 15.91
CA SER A 93 -11.27 -10.04 16.43
C SER A 93 -10.25 -10.59 15.45
N ILE A 94 -10.53 -10.43 14.17
CA ILE A 94 -9.61 -10.83 13.12
C ILE A 94 -8.33 -10.04 13.23
N ALA A 95 -8.44 -8.71 13.32
CA ALA A 95 -7.29 -7.83 13.41
C ALA A 95 -6.44 -8.16 14.62
N LYS A 96 -7.09 -8.56 15.70
CA LYS A 96 -6.42 -8.97 16.93
C LYS A 96 -5.47 -10.10 16.62
N ILE A 97 -5.97 -11.09 15.87
CA ILE A 97 -5.21 -12.29 15.58
C ILE A 97 -4.12 -12.01 14.55
N VAL A 98 -4.41 -11.09 13.62
CA VAL A 98 -3.40 -10.65 12.64
C VAL A 98 -2.24 -9.96 13.37
N ASN A 99 -2.57 -9.11 14.34
CA ASN A 99 -1.57 -8.40 15.11
C ASN A 99 -0.81 -9.29 16.08
N ASP A 100 -1.49 -10.23 16.74
CA ASP A 100 -0.81 -11.12 17.68
C ASP A 100 0.17 -12.08 17.00
N ASN A 101 -0.17 -12.56 15.81
CA ASN A 101 0.69 -13.50 15.09
C ASN A 101 1.62 -12.85 14.09
N ASN A 102 1.56 -11.53 13.98
CA ASN A 102 2.34 -10.79 12.99
C ASN A 102 2.14 -11.28 11.56
N TYR A 103 0.89 -11.60 11.22
CA TYR A 103 0.56 -12.01 9.87
C TYR A 103 0.68 -10.82 8.94
N LYS A 104 1.41 -11.02 7.83
CA LYS A 104 1.73 -9.93 6.91
C LYS A 104 0.82 -9.87 5.69
N SER A 105 0.22 -11.00 5.33
CA SER A 105 -0.69 -11.06 4.19
C SER A 105 -1.85 -12.03 4.46
N VAL A 106 -3.05 -11.57 4.16
CA VAL A 106 -4.24 -12.16 4.72
C VAL A 106 -5.35 -12.03 3.68
N ALA A 107 -6.18 -13.05 3.58
CA ALA A 107 -7.29 -13.01 2.65
C ALA A 107 -8.57 -13.07 3.45
N ILE A 108 -9.46 -12.12 3.18
CA ILE A 108 -10.68 -11.94 3.97
C ILE A 108 -11.90 -11.82 3.07
N PRO A 109 -12.95 -12.61 3.36
CA PRO A 109 -14.20 -12.40 2.66
C PRO A 109 -15.05 -11.32 3.37
N LEU A 110 -16.15 -10.92 2.75
CA LEU A 110 -17.06 -9.97 3.34
C LEU A 110 -18.02 -10.72 4.25
N LEU A 111 -17.73 -10.68 5.56
CA LEU A 111 -18.53 -11.39 6.56
C LEU A 111 -19.97 -10.91 6.51
N SER A 112 -20.92 -11.81 6.80
CA SER A 112 -22.34 -11.44 6.92
C SER A 112 -23.00 -10.90 5.63
N THR A 113 -22.35 -11.09 4.48
CA THR A 113 -22.90 -10.60 3.22
C THR A 113 -23.55 -11.69 2.36
N GLY A 114 -23.43 -12.95 2.81
CA GLY A 114 -24.04 -14.07 2.10
C GLY A 114 -25.14 -14.76 2.87
N ILE A 115 -24.86 -15.96 3.37
CA ILE A 115 -25.79 -16.75 4.17
C ILE A 115 -26.36 -16.03 5.40
N PHE A 116 -25.59 -15.09 5.93
CA PHE A 116 -25.95 -14.35 7.15
C PHE A 116 -26.48 -12.95 6.83
N SER A 117 -26.70 -12.66 5.56
CA SER A 117 -27.10 -11.30 5.14
C SER A 117 -28.55 -10.91 5.47
N GLY A 118 -29.44 -11.88 5.59
CA GLY A 118 -30.85 -11.56 5.80
C GLY A 118 -31.47 -11.11 4.49
N ASN A 119 -30.80 -11.46 3.40
CA ASN A 119 -31.19 -11.08 2.05
C ASN A 119 -31.19 -9.58 1.83
N LYS A 120 -30.11 -8.94 2.25
CA LYS A 120 -29.90 -7.53 2.01
C LYS A 120 -28.48 -7.39 1.47
N ASP A 121 -28.26 -6.41 0.60
CA ASP A 121 -26.89 -6.10 0.14
C ASP A 121 -26.15 -5.45 1.30
N ARG A 122 -25.06 -6.06 1.74
CA ARG A 122 -24.32 -5.58 2.89
C ARG A 122 -22.85 -5.29 2.55
N LEU A 123 -22.54 -5.28 1.25
CA LEU A 123 -21.20 -4.98 0.78
C LEU A 123 -20.58 -3.82 1.55
N THR A 124 -21.14 -2.63 1.38
CA THR A 124 -20.62 -1.40 1.99
C THR A 124 -20.43 -1.59 3.47
N GLN A 125 -21.48 -2.09 4.10
CA GLN A 125 -21.48 -2.26 5.54
C GLN A 125 -20.36 -3.16 5.99
N SER A 126 -20.23 -4.28 5.30
CA SER A 126 -19.29 -5.29 5.70
C SER A 126 -17.87 -4.83 5.40
N LEU A 127 -17.71 -4.13 4.28
CA LEU A 127 -16.42 -3.58 3.86
C LEU A 127 -15.91 -2.55 4.86
N ASN A 128 -16.80 -1.64 5.27
CA ASN A 128 -16.43 -0.59 6.20
C ASN A 128 -15.88 -1.19 7.47
N HIS A 129 -16.56 -2.20 8.01
CA HIS A 129 -16.10 -2.82 9.25
C HIS A 129 -14.77 -3.54 9.03
N LEU A 130 -14.56 -4.07 7.84
CA LEU A 130 -13.32 -4.72 7.51
C LEU A 130 -12.19 -3.70 7.50
N LEU A 131 -12.38 -2.60 6.78
CA LEU A 131 -11.33 -1.60 6.63
C LEU A 131 -11.01 -0.93 7.95
N THR A 132 -12.00 -0.85 8.82
CA THR A 132 -11.84 -0.15 10.07
C THR A 132 -10.94 -0.95 11.02
N ALA A 133 -11.13 -2.26 11.11
CA ALA A 133 -10.31 -3.09 11.98
C ALA A 133 -8.92 -3.37 11.38
N LEU A 134 -8.89 -3.66 10.08
CA LEU A 134 -7.66 -4.10 9.43
C LEU A 134 -6.70 -2.93 9.26
N ASP A 135 -7.25 -1.72 9.35
CA ASP A 135 -6.45 -0.48 9.40
C ASP A 135 -5.55 -0.45 10.61
N THR A 136 -5.88 -1.27 11.61
CA THR A 136 -5.02 -1.38 12.78
C THR A 136 -3.98 -2.47 12.62
N THR A 137 -3.81 -2.96 11.41
CA THR A 137 -2.85 -4.02 11.10
C THR A 137 -1.82 -3.52 10.13
N ASP A 138 -0.86 -4.40 9.85
CA ASP A 138 0.31 -4.18 9.01
C ASP A 138 0.12 -4.97 7.73
N ALA A 139 -1.03 -5.65 7.62
CA ALA A 139 -1.22 -6.71 6.62
C ALA A 139 -1.53 -6.22 5.22
N ASP A 140 -1.07 -6.97 4.23
CA ASP A 140 -1.53 -6.80 2.87
C ASP A 140 -2.79 -7.67 2.76
N VAL A 141 -3.94 -7.02 2.63
CA VAL A 141 -5.23 -7.68 2.72
C VAL A 141 -5.81 -7.93 1.33
N ALA A 142 -6.13 -9.18 1.03
CA ALA A 142 -6.84 -9.52 -0.20
C ALA A 142 -8.30 -9.66 0.14
N ILE A 143 -9.09 -8.68 -0.26
CA ILE A 143 -10.53 -8.71 -0.01
C ILE A 143 -11.11 -9.57 -1.10
N TYR A 144 -11.88 -10.56 -0.71
CA TYR A 144 -12.39 -11.54 -1.64
C TYR A 144 -13.88 -11.45 -1.84
N CYS A 145 -14.29 -11.40 -3.09
CA CYS A 145 -15.69 -11.33 -3.45
C CYS A 145 -15.95 -12.28 -4.60
N ARG A 146 -17.16 -12.34 -5.07
CA ARG A 146 -17.46 -13.26 -6.10
C ARG A 146 -18.36 -12.75 -7.21
N ASP A 147 -18.91 -11.57 -7.11
CA ASP A 147 -19.77 -11.03 -8.16
C ASP A 147 -19.02 -9.94 -8.84
N LYS A 148 -19.08 -9.89 -10.15
CA LYS A 148 -18.31 -8.95 -10.90
C LYS A 148 -18.68 -7.53 -10.55
N LYS A 149 -19.91 -7.37 -10.09
CA LYS A 149 -20.41 -6.07 -9.73
C LYS A 149 -19.92 -5.66 -8.36
N TRP A 150 -19.78 -6.63 -7.48
CA TRP A 150 -19.28 -6.38 -6.18
C TRP A 150 -17.84 -6.07 -6.30
N GLU A 151 -17.17 -6.72 -7.24
CA GLU A 151 -15.77 -6.39 -7.54
C GLU A 151 -15.58 -4.90 -7.86
N MET A 152 -16.32 -4.41 -8.85
CA MET A 152 -16.22 -3.01 -9.26
C MET A 152 -16.49 -2.09 -8.07
N THR A 153 -17.57 -2.37 -7.35
CA THR A 153 -17.94 -1.54 -6.21
C THR A 153 -16.86 -1.61 -5.15
N LEU A 154 -16.38 -2.81 -4.87
CA LEU A 154 -15.29 -3.01 -3.91
C LEU A 154 -14.04 -2.23 -4.29
N LYS A 155 -13.56 -2.47 -5.51
CA LYS A 155 -12.39 -1.78 -6.03
C LYS A 155 -12.52 -0.26 -5.94
N GLU A 156 -13.68 0.24 -6.16
CA GLU A 156 -13.89 1.64 -6.17
C GLU A 156 -13.86 2.27 -4.81
N ALA A 157 -14.37 1.58 -3.83
CA ALA A 157 -14.35 2.07 -2.45
C ALA A 157 -12.95 2.03 -1.83
N VAL A 158 -12.25 0.92 -2.04
CA VAL A 158 -10.87 0.75 -1.57
C VAL A 158 -10.00 1.89 -2.10
N ALA A 159 -10.24 2.25 -3.36
CA ALA A 159 -9.48 3.30 -4.02
C ALA A 159 -9.81 4.68 -3.46
N ARG A 160 -11.06 4.97 -3.22
CA ARG A 160 -11.39 6.22 -2.62
C ARG A 160 -10.52 6.47 -1.43
N ARG A 161 -10.50 5.56 -0.50
CA ARG A 161 -9.61 5.66 0.61
C ARG A 161 -8.15 5.72 0.16
N GLU A 162 -7.58 6.91 0.16
CA GLU A 162 -6.23 7.20 -0.31
C GLU A 162 -6.15 8.54 -1.01
N ALA B 3 -15.35 17.72 -0.84
CA ALA B 3 -15.30 17.80 0.67
C ALA B 3 -14.04 17.12 1.25
N PRO B 4 -13.87 17.18 2.59
CA PRO B 4 -12.55 16.93 3.20
C PRO B 4 -12.19 15.45 3.35
N SER B 5 -10.95 15.21 3.76
CA SER B 5 -10.37 13.87 3.87
C SER B 5 -9.45 13.81 5.08
N TYR B 6 -9.31 12.61 5.67
CA TYR B 6 -8.52 12.45 6.88
C TYR B 6 -7.60 11.25 6.81
N HIS B 7 -6.42 11.39 7.39
CA HIS B 7 -5.58 10.27 7.74
C HIS B 7 -4.73 10.53 8.96
N VAL B 8 -4.18 9.47 9.50
CA VAL B 8 -3.40 9.47 10.72
C VAL B 8 -1.93 9.24 10.54
N VAL B 9 -1.13 10.13 11.08
CA VAL B 9 0.31 10.06 11.11
C VAL B 9 0.81 9.97 12.52
N ARG B 10 1.58 8.94 12.80
CA ARG B 10 2.30 8.79 14.06
C ARG B 10 3.71 9.32 13.87
N GLY B 11 3.98 10.46 14.50
CA GLY B 11 5.30 11.07 14.40
C GLY B 11 5.28 12.53 14.78
N ASP B 12 6.38 13.23 14.52
CA ASP B 12 6.54 14.60 14.96
C ASP B 12 5.90 15.54 13.95
N ILE B 13 4.86 16.24 14.37
CA ILE B 13 4.13 17.14 13.49
C ILE B 13 5.01 18.25 12.88
N ALA B 14 6.12 18.54 13.55
CA ALA B 14 7.09 19.51 13.05
C ALA B 14 7.74 19.03 11.74
N THR B 15 7.67 17.73 11.49
CA THR B 15 8.25 17.14 10.26
C THR B 15 7.21 17.00 9.16
N ALA B 16 6.00 17.50 9.40
CA ALA B 16 4.90 17.41 8.43
C ALA B 16 5.27 17.98 7.08
N THR B 17 4.85 17.30 6.01
CA THR B 17 5.12 17.79 4.66
C THR B 17 4.00 18.73 4.20
N GLU B 18 2.98 18.87 5.02
CA GLU B 18 1.90 19.81 4.77
C GLU B 18 2.45 21.23 4.84
N GLY B 19 1.88 22.11 4.01
CA GLY B 19 2.26 23.53 4.02
C GLY B 19 1.66 24.32 5.18
N VAL B 20 0.65 23.73 5.82
CA VAL B 20 -0.06 24.40 6.89
C VAL B 20 -0.16 23.48 8.10
N ILE B 21 0.38 23.93 9.22
CA ILE B 21 0.43 23.12 10.42
C ILE B 21 -0.22 23.87 11.59
N ILE B 22 -1.13 23.21 12.26
CA ILE B 22 -1.77 23.79 13.43
C ILE B 22 -0.85 23.62 14.63
N ASN B 23 -0.65 24.70 15.35
CA ASN B 23 0.02 24.61 16.63
C ASN B 23 -1.07 24.51 17.67
N ALA B 24 -0.87 23.62 18.65
CA ALA B 24 -1.71 23.61 19.84
C ALA B 24 -1.04 24.59 20.79
N ALA B 25 -1.45 25.85 20.67
CA ALA B 25 -0.75 26.96 21.26
C ALA B 25 -1.26 27.31 22.65
N ASN B 26 -0.55 28.22 23.32
CA ASN B 26 -1.00 28.80 24.60
C ASN B 26 -1.69 30.13 24.36
N SER B 27 -2.61 30.50 25.24
CA SER B 27 -3.25 31.83 25.13
C SER B 27 -2.23 32.96 25.20
N LYS B 28 -1.08 32.73 25.84
CA LYS B 28 -0.11 33.83 26.02
C LYS B 28 0.87 33.99 24.90
N GLY B 29 0.85 33.01 23.97
CA GLY B 29 1.58 33.13 22.72
C GLY B 29 3.05 32.71 22.69
N GLN B 30 3.56 32.20 23.80
CA GLN B 30 4.98 31.81 23.85
C GLN B 30 5.13 30.32 23.62
N PRO B 31 6.26 29.88 23.19
CA PRO B 31 6.56 28.47 23.22
C PRO B 31 6.67 27.95 24.64
N GLY B 32 6.30 26.74 24.93
CA GLY B 32 6.25 25.63 24.07
C GLY B 32 7.01 24.44 24.59
N GLY B 33 6.30 23.54 25.23
CA GLY B 33 6.58 22.14 25.27
C GLY B 33 5.71 21.62 24.18
N GLY B 34 5.68 20.33 23.97
CA GLY B 34 4.68 19.72 23.13
C GLY B 34 4.88 19.91 21.66
N VAL B 35 3.79 20.06 20.93
CA VAL B 35 3.86 20.45 19.52
C VAL B 35 4.33 21.90 19.40
N CYS B 36 3.79 22.76 20.26
CA CYS B 36 4.22 24.16 20.27
C CYS B 36 5.72 24.35 20.33
N GLY B 37 6.35 23.61 21.24
CA GLY B 37 7.81 23.60 21.39
C GLY B 37 8.53 23.00 20.19
N ALA B 38 8.03 21.90 19.66
CA ALA B 38 8.67 21.29 18.49
C ALA B 38 8.60 22.24 17.30
N LEU B 39 7.45 22.89 17.14
CA LEU B 39 7.20 23.78 16.02
C LEU B 39 8.01 25.05 16.12
N TYR B 40 8.30 25.46 17.37
CA TYR B 40 9.10 26.66 17.57
C TYR B 40 10.59 26.44 17.33
N LYS B 41 11.12 25.28 17.76
CA LYS B 41 12.50 24.89 17.45
C LYS B 41 12.74 24.96 15.95
N LYS B 42 11.79 24.46 15.18
CA LYS B 42 11.94 24.31 13.74
C LYS B 42 11.46 25.51 12.91
N PHE B 43 10.43 26.21 13.37
CA PHE B 43 9.87 27.31 12.59
C PHE B 43 9.66 28.60 13.39
N PRO B 44 10.70 29.07 14.10
CA PRO B 44 10.45 30.22 14.97
C PRO B 44 9.89 31.43 14.22
N GLU B 45 10.20 31.54 12.93
CA GLU B 45 9.71 32.64 12.08
C GLU B 45 8.21 32.54 11.87
N SER B 46 7.67 31.34 12.09
CA SER B 46 6.26 31.09 11.92
C SER B 46 5.47 31.37 13.20
N PHE B 47 6.11 32.05 14.15
CA PHE B 47 5.44 32.49 15.36
C PHE B 47 5.48 34.00 15.42
N ASP B 48 4.46 34.60 16.02
CA ASP B 48 4.48 36.04 16.20
C ASP B 48 4.53 36.45 17.67
N LEU B 49 4.52 35.45 18.57
CA LEU B 49 4.66 35.61 20.03
C LEU B 49 3.65 36.55 20.69
N GLN B 50 2.53 36.80 20.03
CA GLN B 50 1.47 37.60 20.60
C GLN B 50 0.38 36.70 21.12
N PRO B 51 -0.35 37.15 22.14
CA PRO B 51 -1.38 36.33 22.76
C PRO B 51 -2.58 36.04 21.88
N ILE B 52 -3.24 34.92 22.14
CA ILE B 52 -4.40 34.47 21.37
C ILE B 52 -5.45 34.12 22.40
N GLU B 53 -6.71 34.48 22.16
CA GLU B 53 -7.76 34.16 23.11
C GLU B 53 -8.08 32.67 23.05
N VAL B 54 -8.47 32.11 24.19
CA VAL B 54 -8.76 30.69 24.27
C VAL B 54 -9.92 30.37 23.34
N GLY B 55 -9.78 29.29 22.57
CA GLY B 55 -10.84 28.87 21.64
C GLY B 55 -10.71 29.57 20.30
N LYS B 56 -9.61 30.27 20.12
CA LYS B 56 -9.33 31.02 18.91
C LYS B 56 -8.03 30.57 18.26
N ALA B 57 -7.81 31.03 17.04
CA ALA B 57 -6.63 30.69 16.29
C ALA B 57 -6.14 31.88 15.48
N ARG B 58 -4.83 31.92 15.20
CA ARG B 58 -4.29 32.95 14.35
C ARG B 58 -3.23 32.44 13.40
N LEU B 59 -3.33 32.91 12.16
CA LEU B 59 -2.40 32.52 11.10
C LEU B 59 -1.14 33.35 11.14
N VAL B 60 -0.01 32.66 11.13
CA VAL B 60 1.27 33.33 10.93
C VAL B 60 1.93 32.65 9.75
N LYS B 61 2.09 33.42 8.68
CA LYS B 61 2.73 32.98 7.46
C LYS B 61 4.24 33.10 7.59
N GLY B 62 4.92 31.95 7.60
CA GLY B 62 6.38 31.96 7.56
C GLY B 62 6.91 31.59 6.20
N ALA B 63 8.17 31.90 5.94
CA ALA B 63 8.77 31.62 4.64
C ALA B 63 8.83 30.11 4.36
N ALA B 64 9.14 29.33 5.39
CA ALA B 64 9.14 27.86 5.29
C ALA B 64 7.74 27.27 5.52
N LYS B 65 7.09 27.72 6.58
CA LYS B 65 5.84 27.09 6.98
C LYS B 65 4.80 28.11 7.42
N HIS B 66 3.55 27.81 7.09
CA HIS B 66 2.41 28.60 7.53
C HIS B 66 1.86 27.86 8.73
N ILE B 67 1.69 28.59 9.84
CA ILE B 67 1.24 27.92 11.05
C ILE B 67 0.00 28.59 11.56
N ILE B 68 -1.01 27.77 11.85
CA ILE B 68 -2.20 28.25 12.52
C ILE B 68 -2.06 28.00 14.02
N HIS B 69 -1.95 29.07 14.79
CA HIS B 69 -1.85 28.94 16.23
C HIS B 69 -3.25 28.94 16.79
N ALA B 70 -3.67 27.78 17.32
CA ALA B 70 -5.00 27.60 17.90
C ALA B 70 -4.86 27.26 19.36
N VAL B 71 -5.69 27.87 20.18
CA VAL B 71 -5.59 27.70 21.62
C VAL B 71 -6.74 26.85 22.14
N GLY B 72 -6.38 25.67 22.59
CA GLY B 72 -7.34 24.77 23.19
C GLY B 72 -7.47 25.12 24.66
N PRO B 73 -8.54 24.61 25.29
CA PRO B 73 -8.76 24.73 26.71
C PRO B 73 -7.63 24.08 27.49
N ASN B 74 -7.29 24.70 28.60
CA ASN B 74 -6.38 24.09 29.51
C ASN B 74 -7.23 23.46 30.61
N PHE B 75 -7.30 22.15 30.59
CA PHE B 75 -8.16 21.45 31.52
C PHE B 75 -7.63 21.41 32.96
N ASN B 76 -6.42 21.89 33.19
CA ASN B 76 -5.95 22.15 34.54
C ASN B 76 -6.55 23.41 35.14
N LYS B 77 -7.02 24.29 34.27
CA LYS B 77 -7.56 25.56 34.72
C LYS B 77 -9.06 25.70 34.50
N VAL B 78 -9.56 25.19 33.38
CA VAL B 78 -10.97 25.33 33.06
C VAL B 78 -11.80 24.09 33.39
N SER B 79 -13.10 24.28 33.50
CA SER B 79 -14.00 23.19 33.86
C SER B 79 -14.30 22.31 32.64
N GLU B 80 -14.78 21.10 32.92
CA GLU B 80 -15.18 20.16 31.88
C GLU B 80 -16.16 20.77 30.88
N VAL B 81 -17.18 21.45 31.39
CA VAL B 81 -18.22 22.01 30.55
C VAL B 81 -17.66 23.11 29.66
N GLU B 82 -17.08 24.13 30.29
CA GLU B 82 -16.55 25.30 29.57
C GLU B 82 -15.44 24.91 28.61
N GLY B 83 -14.62 23.96 29.03
CA GLY B 83 -13.49 23.52 28.22
C GLY B 83 -13.95 22.81 26.97
N ASP B 84 -15.07 22.08 27.08
CA ASP B 84 -15.56 21.37 25.93
C ASP B 84 -16.07 22.33 24.88
N LYS B 85 -16.63 23.44 25.35
CA LYS B 85 -17.13 24.47 24.46
C LYS B 85 -15.94 25.17 23.79
N GLN B 86 -14.88 25.41 24.56
CA GLN B 86 -13.68 26.04 24.03
C GLN B 86 -12.90 25.15 23.06
N LEU B 87 -12.98 23.83 23.25
CA LEU B 87 -12.30 22.91 22.36
C LEU B 87 -12.97 22.95 20.99
N ALA B 88 -14.30 22.89 20.98
CA ALA B 88 -15.12 23.04 19.78
C ALA B 88 -14.72 24.30 19.01
N GLU B 89 -14.81 25.44 19.71
CA GLU B 89 -14.43 26.75 19.22
C GLU B 89 -13.04 26.81 18.62
N ALA B 90 -12.07 26.22 19.31
CA ALA B 90 -10.70 26.21 18.85
C ALA B 90 -10.62 25.57 17.46
N TYR B 91 -11.29 24.44 17.30
CA TYR B 91 -11.27 23.73 16.04
C TYR B 91 -12.07 24.44 14.97
N GLU B 92 -13.17 25.06 15.39
CA GLU B 92 -13.96 25.91 14.51
C GLU B 92 -13.16 27.09 13.99
N SER B 93 -12.29 27.64 14.85
CA SER B 93 -11.46 28.76 14.47
C SER B 93 -10.45 28.34 13.43
N ILE B 94 -9.96 27.12 13.57
CA ILE B 94 -9.02 26.57 12.60
C ILE B 94 -9.70 26.40 11.25
N ALA B 95 -10.90 25.83 11.27
CA ALA B 95 -11.63 25.54 10.04
C ALA B 95 -11.90 26.82 9.26
N LYS B 96 -12.31 27.87 9.98
CA LYS B 96 -12.56 29.17 9.37
C LYS B 96 -11.33 29.67 8.63
N ILE B 97 -10.18 29.59 9.29
CA ILE B 97 -8.89 30.00 8.71
C ILE B 97 -8.52 29.15 7.50
N VAL B 98 -8.74 27.83 7.59
CA VAL B 98 -8.47 26.94 6.47
C VAL B 98 -9.32 27.34 5.28
N ASN B 99 -10.57 27.69 5.54
CA ASN B 99 -11.46 28.13 4.47
C ASN B 99 -11.09 29.48 3.87
N ASP B 100 -10.90 30.47 4.72
CA ASP B 100 -10.59 31.83 4.27
C ASP B 100 -9.33 31.89 3.43
N ASN B 101 -8.41 30.96 3.68
CA ASN B 101 -7.14 30.97 2.99
C ASN B 101 -7.03 29.83 2.00
N ASN B 102 -8.14 29.12 1.81
CA ASN B 102 -8.23 28.06 0.82
C ASN B 102 -7.07 27.05 0.83
N TYR B 103 -6.63 26.69 2.03
CA TYR B 103 -5.60 25.67 2.19
C TYR B 103 -6.20 24.31 1.86
N LYS B 104 -5.48 23.53 1.06
CA LYS B 104 -5.96 22.23 0.62
C LYS B 104 -5.30 21.07 1.37
N SER B 105 -4.29 21.40 2.17
CA SER B 105 -3.49 20.41 2.86
C SER B 105 -3.09 20.88 4.25
N VAL B 106 -3.57 20.18 5.28
CA VAL B 106 -3.36 20.63 6.64
C VAL B 106 -2.89 19.49 7.54
N ALA B 107 -1.97 19.80 8.47
CA ALA B 107 -1.56 18.86 9.50
C ALA B 107 -1.98 19.40 10.85
N ILE B 108 -2.63 18.57 11.66
CA ILE B 108 -3.23 19.04 12.91
C ILE B 108 -3.07 18.08 14.08
N PRO B 109 -2.66 18.61 15.24
CA PRO B 109 -2.53 17.79 16.42
C PRO B 109 -3.88 17.75 17.13
N LEU B 110 -4.04 16.84 18.09
CA LEU B 110 -5.28 16.79 18.83
C LEU B 110 -5.17 17.75 19.98
N LEU B 111 -5.77 18.92 19.80
CA LEU B 111 -5.81 19.95 20.81
C LEU B 111 -6.23 19.43 22.18
N SER B 112 -5.55 19.94 23.22
CA SER B 112 -5.92 19.74 24.61
C SER B 112 -5.80 18.28 25.11
N THR B 113 -4.96 17.47 24.46
CA THR B 113 -4.78 16.05 24.83
C THR B 113 -3.41 15.75 25.44
N GLY B 114 -2.56 16.78 25.51
CA GLY B 114 -1.23 16.64 26.08
C GLY B 114 -1.08 17.44 27.34
N ILE B 115 -0.30 18.51 27.23
CA ILE B 115 -0.04 19.41 28.35
C ILE B 115 -1.31 20.06 28.91
N PHE B 116 -2.31 20.25 28.05
CA PHE B 116 -3.56 20.88 28.42
C PHE B 116 -4.69 19.93 28.86
N SER B 117 -4.40 18.66 28.92
CA SER B 117 -5.41 17.66 29.17
C SER B 117 -5.83 17.46 30.59
N GLY B 118 -5.10 18.04 31.51
CA GLY B 118 -5.44 17.91 32.89
C GLY B 118 -5.32 16.48 33.29
N ASN B 119 -4.58 15.72 32.53
CA ASN B 119 -4.38 14.37 32.93
C ASN B 119 -5.44 13.38 32.58
N LYS B 120 -6.37 13.73 31.73
CA LYS B 120 -7.32 12.75 31.29
C LYS B 120 -6.99 12.29 29.91
N ASP B 121 -7.56 11.17 29.52
CA ASP B 121 -7.57 10.71 28.12
C ASP B 121 -8.64 11.53 27.42
N ARG B 122 -8.23 12.37 26.46
CA ARG B 122 -9.21 13.18 25.73
C ARG B 122 -9.22 12.95 24.20
N LEU B 123 -8.72 11.78 23.77
CA LEU B 123 -8.60 11.49 22.33
C LEU B 123 -9.94 11.61 21.63
N THR B 124 -10.92 10.84 22.10
CA THR B 124 -12.27 10.83 21.53
C THR B 124 -12.87 12.22 21.58
N GLN B 125 -12.78 12.86 22.74
CA GLN B 125 -13.36 14.19 22.91
C GLN B 125 -12.79 15.25 21.94
N SER B 126 -11.47 15.32 21.86
CA SER B 126 -10.77 16.28 21.00
C SER B 126 -11.02 15.97 19.52
N LEU B 127 -10.84 14.70 19.14
CA LEU B 127 -11.05 14.25 17.78
C LEU B 127 -12.48 14.46 17.28
N ASN B 128 -13.49 14.23 18.11
CA ASN B 128 -14.85 14.53 17.66
C ASN B 128 -15.06 15.99 17.28
N HIS B 129 -14.39 16.90 17.97
CA HIS B 129 -14.54 18.31 17.64
C HIS B 129 -13.70 18.66 16.41
N LEU B 130 -12.51 18.08 16.31
CA LEU B 130 -11.68 18.23 15.14
C LEU B 130 -12.50 17.87 13.90
N LEU B 131 -13.10 16.69 13.92
CA LEU B 131 -13.81 16.18 12.79
C LEU B 131 -14.99 17.08 12.47
N THR B 132 -15.79 17.39 13.49
CA THR B 132 -16.97 18.21 13.31
C THR B 132 -16.57 19.53 12.64
N ALA B 133 -15.43 20.07 13.05
CA ALA B 133 -14.97 21.36 12.52
C ALA B 133 -14.38 21.25 11.12
N LEU B 134 -13.44 20.31 10.97
CA LEU B 134 -12.74 20.18 9.70
C LEU B 134 -13.59 19.61 8.58
N ASP B 135 -14.76 19.04 8.94
CA ASP B 135 -15.78 18.62 7.96
C ASP B 135 -16.39 19.81 7.22
N THR B 136 -16.19 21.03 7.74
CA THR B 136 -16.65 22.23 7.04
C THR B 136 -15.65 22.72 5.97
N THR B 137 -14.45 22.15 5.95
CA THR B 137 -13.43 22.52 4.96
C THR B 137 -13.37 21.52 3.79
N ASP B 138 -12.63 21.76 2.76
CA ASP B 138 -12.44 20.63 1.88
C ASP B 138 -11.01 20.24 1.84
N ALA B 139 -10.34 20.43 2.96
CA ALA B 139 -8.92 20.10 3.17
C ALA B 139 -8.62 18.61 3.29
N ASP B 140 -7.41 18.25 2.92
CA ASP B 140 -6.89 16.92 3.19
C ASP B 140 -6.09 17.04 4.49
N VAL B 141 -6.60 16.38 5.53
CA VAL B 141 -6.13 16.61 6.90
C VAL B 141 -5.31 15.45 7.44
N ALA B 142 -4.08 15.76 7.84
CA ALA B 142 -3.19 14.81 8.50
C ALA B 142 -3.26 14.99 10.01
N ILE B 143 -3.95 14.06 10.67
CA ILE B 143 -4.11 14.11 12.12
C ILE B 143 -2.89 13.47 12.72
N TYR B 144 -2.12 14.27 13.48
CA TYR B 144 -0.83 13.82 13.98
C TYR B 144 -0.89 13.36 15.42
N CYS B 145 -0.12 12.32 15.72
CA CYS B 145 -0.02 11.80 17.07
C CYS B 145 1.39 11.24 17.29
N ARG B 146 1.74 10.99 18.55
CA ARG B 146 3.04 10.45 18.90
C ARG B 146 2.99 9.11 19.63
N ASP B 147 1.78 8.72 20.05
CA ASP B 147 1.53 7.48 20.80
C ASP B 147 1.01 6.36 19.88
N LYS B 148 1.47 5.12 20.12
CA LYS B 148 1.07 3.98 19.29
C LYS B 148 -0.39 3.56 19.55
N LYS B 149 -0.75 3.44 20.82
CA LYS B 149 -2.09 3.05 21.21
C LYS B 149 -3.09 3.99 20.63
N TRP B 150 -2.75 5.26 20.74
CA TRP B 150 -3.58 6.35 20.23
C TRP B 150 -3.75 6.30 18.71
N GLU B 151 -2.68 6.01 17.97
CA GLU B 151 -2.79 5.95 16.51
C GLU B 151 -3.77 4.86 16.06
N MET B 152 -3.82 3.76 16.80
CA MET B 152 -4.79 2.68 16.57
C MET B 152 -6.20 3.22 16.68
N THR B 153 -6.51 3.71 17.89
CA THR B 153 -7.78 4.32 18.21
C THR B 153 -8.12 5.43 17.21
N LEU B 154 -7.11 6.23 16.88
CA LEU B 154 -7.26 7.29 15.88
C LEU B 154 -7.56 6.72 14.51
N LYS B 155 -6.80 5.71 14.09
CA LYS B 155 -7.04 5.06 12.82
C LYS B 155 -8.41 4.40 12.78
N GLU B 156 -8.79 3.72 13.88
CA GLU B 156 -10.13 3.13 14.01
C GLU B 156 -11.20 4.22 13.89
N ALA B 157 -11.07 5.26 14.71
CA ALA B 157 -12.06 6.35 14.75
C ALA B 157 -12.19 7.06 13.42
N VAL B 158 -11.08 7.28 12.74
CA VAL B 158 -11.07 8.00 11.48
C VAL B 158 -11.69 7.19 10.33
N ALA B 159 -11.59 5.87 10.41
CA ALA B 159 -12.08 4.99 9.35
C ALA B 159 -13.60 4.97 9.21
N ARG B 160 -14.32 4.86 10.33
CA ARG B 160 -15.79 4.88 10.34
C ARG B 160 -16.43 6.22 9.91
N ARG B 161 -15.94 7.31 10.50
CA ARG B 161 -16.46 8.64 10.18
C ARG B 161 -16.30 8.94 8.69
N LYS C 2 -1.01 -10.23 -7.32
CA LYS C 2 0.07 -11.06 -6.85
C LYS C 2 1.23 -10.28 -6.33
N ALA C 3 1.14 -9.66 -5.17
CA ALA C 3 2.26 -8.89 -4.69
C ALA C 3 2.78 -9.34 -3.35
N PRO C 4 3.95 -8.87 -2.99
CA PRO C 4 4.64 -9.42 -1.87
C PRO C 4 4.72 -8.47 -0.74
N SER C 5 4.88 -9.02 0.43
CA SER C 5 5.04 -8.21 1.61
C SER C 5 6.49 -8.10 2.08
N TYR C 6 6.87 -7.01 2.72
CA TYR C 6 8.22 -6.84 3.19
C TYR C 6 8.22 -6.35 4.62
N HIS C 7 9.02 -7.00 5.44
CA HIS C 7 9.33 -6.55 6.76
C HIS C 7 10.77 -6.82 7.08
N VAL C 8 11.35 -5.96 7.85
CA VAL C 8 12.72 -6.04 8.22
C VAL C 8 12.87 -6.67 9.58
N VAL C 9 13.83 -7.55 9.73
CA VAL C 9 14.05 -8.19 10.97
C VAL C 9 15.50 -8.07 11.29
N ARG C 10 15.79 -7.59 12.48
CA ARG C 10 17.14 -7.49 12.99
C ARG C 10 17.43 -8.71 13.83
N GLY C 11 18.48 -9.44 13.46
CA GLY C 11 18.83 -10.64 14.20
C GLY C 11 19.45 -11.70 13.32
N ASP C 12 19.80 -12.82 13.94
CA ASP C 12 20.43 -13.93 13.25
C ASP C 12 19.38 -14.62 12.39
N ILE C 13 19.60 -14.54 11.07
CA ILE C 13 18.74 -15.18 10.08
C ILE C 13 18.65 -16.70 10.32
N ALA C 14 19.62 -17.26 11.03
CA ALA C 14 19.60 -18.68 11.32
C ALA C 14 18.53 -19.05 12.34
N THR C 15 17.95 -18.03 13.00
CA THR C 15 16.88 -18.29 13.96
C THR C 15 15.51 -17.92 13.39
N ALA C 16 15.49 -17.48 12.13
CA ALA C 16 14.27 -17.17 11.39
C ALA C 16 13.24 -18.30 11.50
N THR C 17 11.96 -17.95 11.63
CA THR C 17 10.88 -18.95 11.71
C THR C 17 10.37 -19.38 10.32
N GLU C 18 10.58 -18.51 9.32
CA GLU C 18 10.30 -18.83 7.93
C GLU C 18 10.83 -20.22 7.57
N GLY C 19 10.04 -20.98 6.80
CA GLY C 19 10.42 -22.33 6.39
C GLY C 19 11.49 -22.31 5.31
N VAL C 20 11.66 -21.13 4.70
CA VAL C 20 12.61 -20.94 3.59
C VAL C 20 13.54 -19.76 3.85
N ILE C 21 14.84 -20.07 3.94
CA ILE C 21 15.86 -19.07 4.24
C ILE C 21 16.86 -18.99 3.09
N ILE C 22 17.21 -17.77 2.67
CA ILE C 22 18.21 -17.60 1.62
C ILE C 22 19.58 -17.58 2.24
N ASN C 23 20.52 -18.30 1.65
CA ASN C 23 21.92 -18.24 2.08
C ASN C 23 22.69 -17.25 1.25
N ALA C 24 23.49 -16.43 1.92
CA ALA C 24 24.43 -15.58 1.23
C ALA C 24 25.67 -16.44 0.95
N ALA C 25 25.63 -17.18 -0.14
CA ALA C 25 26.61 -18.26 -0.41
C ALA C 25 27.82 -17.91 -1.28
N ASN C 26 28.78 -18.84 -1.33
CA ASN C 26 29.89 -18.77 -2.29
C ASN C 26 29.74 -19.76 -3.43
N SER C 27 30.46 -19.49 -4.51
CA SER C 27 30.36 -20.28 -5.73
C SER C 27 30.80 -21.73 -5.55
N LYS C 28 31.43 -22.02 -4.44
CA LYS C 28 31.86 -23.35 -4.15
C LYS C 28 30.96 -24.11 -3.26
N GLY C 29 29.93 -23.45 -2.75
CA GLY C 29 28.88 -24.07 -1.94
C GLY C 29 29.35 -24.63 -0.60
N GLN C 30 30.46 -24.10 -0.10
CA GLN C 30 31.04 -24.42 1.21
C GLN C 30 30.76 -23.30 2.22
N PRO C 31 30.78 -23.63 3.52
CA PRO C 31 30.79 -22.59 4.56
C PRO C 31 32.21 -22.06 4.79
N GLY C 32 32.41 -20.76 5.00
CA GLY C 32 31.36 -19.77 5.13
C GLY C 32 31.53 -19.05 6.45
N GLY C 33 31.81 -17.76 6.39
CA GLY C 33 31.61 -16.89 7.53
C GLY C 33 30.24 -16.28 7.37
N GLY C 34 29.90 -15.26 8.08
CA GLY C 34 28.64 -14.62 7.81
C GLY C 34 27.43 -15.46 8.02
N VAL C 35 26.43 -15.24 7.22
CA VAL C 35 25.19 -15.98 7.30
C VAL C 35 25.25 -17.39 6.86
N CYS C 36 26.28 -17.74 6.12
CA CYS C 36 26.49 -19.06 5.58
C CYS C 36 26.85 -19.97 6.68
N GLY C 37 27.80 -19.48 7.44
CA GLY C 37 28.32 -20.13 8.59
C GLY C 37 27.35 -20.21 9.71
N ALA C 38 26.42 -19.31 9.75
CA ALA C 38 25.41 -19.33 10.77
C ALA C 38 24.36 -20.31 10.41
N LEU C 39 24.22 -20.55 9.14
CA LEU C 39 23.23 -21.45 8.65
C LEU C 39 23.77 -22.80 8.55
N TYR C 40 25.04 -22.90 8.18
CA TYR C 40 25.75 -24.15 8.20
C TYR C 40 25.87 -24.64 9.63
N LYS C 41 26.03 -23.71 10.56
CA LYS C 41 26.11 -24.04 11.98
C LYS C 41 24.80 -24.68 12.48
N LYS C 42 23.67 -24.12 12.07
CA LYS C 42 22.36 -24.55 12.56
C LYS C 42 21.75 -25.69 11.74
N PHE C 43 21.92 -25.63 10.42
CA PHE C 43 21.29 -26.57 9.48
C PHE C 43 22.29 -27.16 8.48
N PRO C 44 23.30 -27.91 8.95
CA PRO C 44 24.28 -28.43 8.01
C PRO C 44 23.67 -29.31 6.91
N GLU C 45 22.53 -29.94 7.23
CA GLU C 45 21.88 -30.89 6.32
C GLU C 45 21.07 -30.21 5.22
N SER C 46 21.05 -28.88 5.19
CA SER C 46 20.45 -28.13 4.09
C SER C 46 21.53 -27.49 3.24
N PHE C 47 22.70 -28.12 3.27
CA PHE C 47 23.79 -27.79 2.38
C PHE C 47 24.10 -29.09 1.66
N ASP C 48 24.43 -28.99 0.38
CA ASP C 48 24.87 -30.18 -0.37
C ASP C 48 26.34 -30.08 -0.79
N LEU C 49 26.94 -28.91 -0.58
CA LEU C 49 28.34 -28.68 -0.83
C LEU C 49 28.67 -28.66 -2.32
N GLN C 50 27.65 -28.59 -3.17
CA GLN C 50 27.89 -28.51 -4.61
C GLN C 50 28.17 -27.06 -5.04
N PRO C 51 29.07 -26.87 -6.02
CA PRO C 51 29.29 -25.52 -6.55
C PRO C 51 28.02 -24.88 -7.11
N ILE C 52 27.93 -23.55 -6.98
CA ILE C 52 26.83 -22.77 -7.55
C ILE C 52 27.46 -21.65 -8.37
N GLU C 53 27.00 -21.41 -9.60
CA GLU C 53 27.48 -20.26 -10.35
C GLU C 53 27.12 -18.95 -9.67
N VAL C 54 27.99 -17.96 -9.81
CA VAL C 54 27.71 -16.61 -9.34
C VAL C 54 26.48 -16.09 -10.04
N GLY C 55 25.59 -15.44 -9.28
CA GLY C 55 24.37 -14.88 -9.81
C GLY C 55 23.29 -15.94 -9.92
N LYS C 56 23.63 -17.17 -9.53
CA LYS C 56 22.65 -18.24 -9.49
C LYS C 56 22.34 -18.71 -8.08
N ALA C 57 21.36 -19.59 -7.97
CA ALA C 57 20.92 -20.13 -6.68
C ALA C 57 20.46 -21.56 -6.84
N ARG C 58 20.50 -22.31 -5.76
CA ARG C 58 20.12 -23.68 -5.73
C ARG C 58 19.36 -23.94 -4.45
N LEU C 59 18.25 -24.62 -4.55
CA LEU C 59 17.44 -24.96 -3.40
C LEU C 59 17.90 -26.29 -2.83
N VAL C 60 18.14 -26.36 -1.53
CA VAL C 60 18.38 -27.65 -0.85
C VAL C 60 17.30 -27.80 0.20
N LYS C 61 16.64 -28.94 0.21
CA LYS C 61 15.48 -29.12 1.10
C LYS C 61 15.80 -30.00 2.29
N GLY C 62 16.33 -29.40 3.35
CA GLY C 62 16.58 -30.14 4.58
C GLY C 62 15.28 -30.50 5.28
N ALA C 63 15.33 -31.48 6.18
CA ALA C 63 14.18 -31.83 7.01
C ALA C 63 13.70 -30.65 7.86
N ALA C 64 14.64 -29.86 8.36
CA ALA C 64 14.36 -28.75 9.27
C ALA C 64 14.08 -27.46 8.52
N LYS C 65 14.88 -27.18 7.49
CA LYS C 65 14.81 -25.89 6.82
C LYS C 65 15.13 -25.98 5.32
N HIS C 66 14.41 -25.19 4.53
CA HIS C 66 14.64 -25.14 3.09
C HIS C 66 15.53 -23.94 2.80
N ILE C 67 16.73 -24.21 2.33
CA ILE C 67 17.66 -23.12 2.06
C ILE C 67 17.85 -22.96 0.56
N ILE C 68 17.73 -21.72 0.11
CA ILE C 68 18.04 -21.32 -1.25
C ILE C 68 19.39 -20.62 -1.23
N HIS C 69 20.38 -21.30 -1.79
CA HIS C 69 21.74 -20.87 -1.66
C HIS C 69 22.08 -19.97 -2.82
N ALA C 70 22.10 -18.66 -2.55
CA ALA C 70 22.30 -17.67 -3.59
C ALA C 70 23.71 -17.07 -3.55
N VAL C 71 24.37 -17.08 -4.71
CA VAL C 71 25.69 -16.54 -4.83
C VAL C 71 25.63 -15.12 -5.38
N GLY C 72 25.73 -14.14 -4.48
CA GLY C 72 25.93 -12.77 -4.90
C GLY C 72 27.37 -12.60 -5.37
N PRO C 73 27.67 -11.51 -6.08
CA PRO C 73 29.05 -11.28 -6.51
C PRO C 73 29.96 -10.89 -5.34
N ASN C 74 31.24 -11.21 -5.51
CA ASN C 74 32.30 -10.81 -4.64
C ASN C 74 32.96 -9.57 -5.22
N PHE C 75 32.67 -8.40 -4.64
CA PHE C 75 33.18 -7.15 -5.17
C PHE C 75 34.66 -6.90 -4.96
N ASN C 76 35.31 -7.82 -4.25
CA ASN C 76 36.77 -7.85 -4.19
C ASN C 76 37.33 -8.30 -5.53
N LYS C 77 36.56 -9.10 -6.25
CA LYS C 77 37.01 -9.71 -7.51
C LYS C 77 36.37 -9.10 -8.74
N VAL C 78 35.05 -8.94 -8.72
CA VAL C 78 34.35 -8.42 -9.91
C VAL C 78 34.28 -6.89 -9.93
N SER C 79 34.06 -6.35 -11.12
CA SER C 79 33.94 -4.91 -11.29
C SER C 79 32.60 -4.42 -10.78
N GLU C 80 32.50 -3.11 -10.59
CA GLU C 80 31.24 -2.50 -10.18
C GLU C 80 30.11 -2.85 -11.17
N VAL C 81 30.38 -2.69 -12.46
CA VAL C 81 29.39 -3.03 -13.49
C VAL C 81 29.07 -4.51 -13.52
N GLU C 82 30.08 -5.35 -13.47
CA GLU C 82 29.84 -6.75 -13.48
C GLU C 82 29.12 -7.29 -12.27
N GLY C 83 29.52 -6.84 -11.12
CA GLY C 83 28.90 -7.25 -9.86
C GLY C 83 27.52 -6.71 -9.62
N ASP C 84 27.16 -5.61 -10.31
CA ASP C 84 25.80 -5.08 -10.19
C ASP C 84 24.85 -5.94 -11.03
N LYS C 85 25.36 -6.47 -12.14
CA LYS C 85 24.59 -7.37 -12.99
C LYS C 85 24.31 -8.67 -12.25
N GLN C 86 25.33 -9.17 -11.54
CA GLN C 86 25.30 -10.49 -10.93
C GLN C 86 24.50 -10.46 -9.65
N LEU C 87 24.49 -9.29 -9.01
CA LEU C 87 23.68 -9.07 -7.81
C LEU C 87 22.20 -9.17 -8.18
N ALA C 88 21.82 -8.45 -9.24
CA ALA C 88 20.49 -8.54 -9.84
C ALA C 88 20.16 -9.98 -10.19
N GLU C 89 21.06 -10.63 -10.92
CA GLU C 89 20.92 -12.03 -11.25
C GLU C 89 20.62 -12.90 -10.03
N ALA C 90 21.45 -12.77 -8.99
CA ALA C 90 21.32 -13.66 -7.83
C ALA C 90 19.94 -13.55 -7.19
N TYR C 91 19.45 -12.32 -7.03
CA TYR C 91 18.10 -12.11 -6.53
C TYR C 91 17.00 -12.63 -7.46
N GLU C 92 17.20 -12.44 -8.76
CA GLU C 92 16.33 -13.06 -9.77
C GLU C 92 16.25 -14.57 -9.62
N SER C 93 17.38 -15.19 -9.28
CA SER C 93 17.45 -16.63 -9.13
C SER C 93 16.61 -17.09 -7.96
N ILE C 94 16.72 -16.33 -6.87
CA ILE C 94 15.95 -16.55 -5.66
C ILE C 94 14.48 -16.49 -6.05
N ALA C 95 14.09 -15.38 -6.69
CA ALA C 95 12.73 -15.15 -7.17
C ALA C 95 12.18 -16.31 -7.98
N LYS C 96 12.93 -16.82 -8.92
CA LYS C 96 12.44 -17.89 -9.70
C LYS C 96 12.18 -19.09 -8.88
N ILE C 97 13.01 -19.38 -7.90
CA ILE C 97 12.85 -20.57 -7.06
C ILE C 97 11.68 -20.39 -6.10
N VAL C 98 11.43 -19.17 -5.66
CA VAL C 98 10.29 -18.89 -4.80
C VAL C 98 9.00 -19.15 -5.59
N ASN C 99 8.89 -18.55 -6.77
CA ASN C 99 7.73 -18.78 -7.62
C ASN C 99 7.55 -20.25 -7.96
N ASP C 100 8.62 -20.88 -8.43
CA ASP C 100 8.58 -22.28 -8.88
C ASP C 100 8.10 -23.25 -7.79
N ASN C 101 8.45 -22.95 -6.54
CA ASN C 101 8.03 -23.76 -5.40
C ASN C 101 6.85 -23.21 -4.60
N ASN C 102 6.29 -22.09 -5.06
CA ASN C 102 5.23 -21.36 -4.35
C ASN C 102 5.52 -21.10 -2.88
N TYR C 103 6.78 -20.82 -2.56
CA TYR C 103 7.15 -20.48 -1.20
C TYR C 103 6.47 -19.18 -0.78
N LYS C 104 5.77 -19.21 0.34
CA LYS C 104 5.01 -18.03 0.77
C LYS C 104 5.73 -17.16 1.79
N SER C 105 6.44 -17.78 2.72
CA SER C 105 7.20 -17.02 3.72
C SER C 105 8.70 -17.30 3.56
N VAL C 106 9.47 -16.23 3.43
CA VAL C 106 10.85 -16.31 3.01
C VAL C 106 11.73 -15.28 3.75
N ALA C 107 12.89 -15.72 4.23
CA ALA C 107 13.81 -14.85 4.94
C ALA C 107 15.06 -14.67 4.11
N ILE C 108 15.36 -13.41 3.76
CA ILE C 108 16.45 -13.11 2.82
C ILE C 108 17.42 -12.08 3.41
N PRO C 109 18.73 -12.40 3.41
CA PRO C 109 19.74 -11.44 3.84
C PRO C 109 20.07 -10.52 2.67
N LEU C 110 20.84 -9.48 2.91
CA LEU C 110 21.29 -8.62 1.81
C LEU C 110 22.59 -9.17 1.28
N LEU C 111 22.52 -9.83 0.13
CA LEU C 111 23.68 -10.48 -0.47
C LEU C 111 24.71 -9.44 -0.79
N SER C 112 25.98 -9.87 -0.73
CA SER C 112 27.13 -9.07 -1.15
C SER C 112 27.30 -7.79 -0.32
N THR C 113 26.81 -7.79 0.90
CA THR C 113 26.96 -6.59 1.72
C THR C 113 27.85 -6.83 2.93
N GLY C 114 28.36 -8.07 3.06
CA GLY C 114 29.31 -8.39 4.10
C GLY C 114 30.68 -8.76 3.56
N ILE C 115 31.04 -10.03 3.72
CA ILE C 115 32.34 -10.56 3.28
C ILE C 115 32.63 -10.23 1.81
N PHE C 116 31.59 -10.24 0.99
CA PHE C 116 31.63 -9.97 -0.46
C PHE C 116 31.47 -8.50 -0.85
N SER C 117 31.29 -7.61 0.12
CA SER C 117 30.98 -6.20 -0.19
C SER C 117 32.16 -5.41 -0.74
N GLY C 118 33.36 -5.90 -0.53
CA GLY C 118 34.56 -5.18 -0.93
C GLY C 118 34.74 -3.92 -0.10
N ASN C 119 34.19 -3.92 1.11
CA ASN C 119 34.24 -2.78 2.04
C ASN C 119 33.55 -1.53 1.49
N LYS C 120 32.48 -1.71 0.73
CA LYS C 120 31.63 -0.59 0.38
C LYS C 120 30.33 -0.80 1.12
N ASP C 121 29.69 0.31 1.51
CA ASP C 121 28.33 0.27 2.02
C ASP C 121 27.40 -0.04 0.85
N ARG C 122 26.85 -1.24 0.81
CA ARG C 122 26.03 -1.67 -0.33
C ARG C 122 24.58 -1.98 0.03
N LEU C 123 24.15 -1.57 1.22
CA LEU C 123 22.74 -1.68 1.63
C LEU C 123 21.74 -1.30 0.53
N THR C 124 21.80 -0.06 0.06
CA THR C 124 20.83 0.45 -0.90
C THR C 124 20.85 -0.36 -2.19
N GLN C 125 22.06 -0.61 -2.68
CA GLN C 125 22.24 -1.39 -3.89
C GLN C 125 21.60 -2.77 -3.76
N SER C 126 21.97 -3.50 -2.70
CA SER C 126 21.50 -4.88 -2.49
C SER C 126 20.00 -4.95 -2.24
N LEU C 127 19.49 -4.01 -1.44
CA LEU C 127 18.08 -3.87 -1.22
C LEU C 127 17.31 -3.67 -2.53
N ASN C 128 17.71 -2.68 -3.32
CA ASN C 128 17.05 -2.42 -4.59
C ASN C 128 16.90 -3.69 -5.43
N HIS C 129 17.99 -4.42 -5.61
CA HIS C 129 17.97 -5.69 -6.33
C HIS C 129 17.10 -6.76 -5.64
N LEU C 130 17.05 -6.73 -4.31
CA LEU C 130 16.16 -7.64 -3.59
C LEU C 130 14.71 -7.30 -3.92
N LEU C 131 14.36 -6.02 -3.74
CA LEU C 131 12.99 -5.56 -4.00
C LEU C 131 12.59 -5.78 -5.45
N THR C 132 13.48 -5.46 -6.39
CA THR C 132 13.16 -5.62 -7.80
C THR C 132 12.77 -7.06 -8.07
N ALA C 133 13.63 -8.01 -7.68
CA ALA C 133 13.39 -9.44 -7.93
C ALA C 133 12.17 -10.00 -7.20
N LEU C 134 12.06 -9.67 -5.91
CA LEU C 134 11.03 -10.28 -5.08
C LEU C 134 9.63 -9.71 -5.33
N ASP C 135 9.58 -8.54 -5.96
CA ASP C 135 8.34 -7.95 -6.47
C ASP C 135 7.60 -8.81 -7.47
N THR C 136 8.33 -9.70 -8.15
CA THR C 136 7.75 -10.64 -9.10
C THR C 136 7.25 -11.92 -8.43
N THR C 137 7.24 -11.93 -7.09
CA THR C 137 6.71 -13.07 -6.34
C THR C 137 5.57 -12.53 -5.52
N ASP C 138 4.84 -13.39 -4.81
CA ASP C 138 3.99 -12.88 -3.72
C ASP C 138 4.29 -13.54 -2.41
N ALA C 139 5.57 -13.57 -2.07
CA ALA C 139 6.00 -14.09 -0.80
C ALA C 139 5.94 -13.02 0.29
N ASP C 140 5.79 -13.45 1.51
CA ASP C 140 5.97 -12.53 2.56
C ASP C 140 7.42 -12.61 2.91
N VAL C 141 8.11 -11.54 2.64
CA VAL C 141 9.57 -11.50 2.74
C VAL C 141 10.02 -10.80 4.02
N ALA C 142 10.74 -11.54 4.86
CA ALA C 142 11.47 -10.96 5.98
C ALA C 142 12.92 -10.66 5.55
N ILE C 143 13.29 -9.38 5.57
CA ILE C 143 14.66 -8.99 5.22
C ILE C 143 15.50 -8.91 6.50
N TYR C 144 16.55 -9.72 6.57
CA TYR C 144 17.37 -9.81 7.77
C TYR C 144 18.61 -8.92 7.71
N CYS C 145 18.96 -8.36 8.88
CA CYS C 145 20.17 -7.55 9.03
C CYS C 145 20.65 -7.60 10.48
N ARG C 146 21.85 -7.15 10.72
CA ARG C 146 22.39 -7.26 12.04
C ARG C 146 22.85 -5.92 12.65
N ASP C 147 23.25 -4.93 11.87
CA ASP C 147 23.56 -3.60 12.42
C ASP C 147 22.29 -2.80 12.65
N LYS C 148 22.19 -2.18 13.83
CA LYS C 148 21.02 -1.37 14.18
C LYS C 148 20.80 -0.16 13.27
N LYS C 149 21.90 0.51 12.89
CA LYS C 149 21.81 1.70 12.02
C LYS C 149 21.22 1.30 10.68
N TRP C 150 21.60 0.09 10.24
CA TRP C 150 21.12 -0.52 9.00
C TRP C 150 19.64 -0.86 9.07
N GLU C 151 19.23 -1.41 10.21
CA GLU C 151 17.83 -1.75 10.47
C GLU C 151 16.94 -0.55 10.22
N MET C 152 17.26 0.55 10.90
CA MET C 152 16.57 1.82 10.70
C MET C 152 16.57 2.19 9.22
N THR C 153 17.75 2.21 8.60
CA THR C 153 17.89 2.53 7.19
C THR C 153 17.06 1.61 6.29
N LEU C 154 16.97 0.33 6.66
CA LEU C 154 16.19 -0.62 5.88
C LEU C 154 14.70 -0.33 6.01
N LYS C 155 14.21 -0.30 7.26
CA LYS C 155 12.81 0.01 7.53
C LYS C 155 12.37 1.29 6.85
N GLU C 156 13.18 2.34 7.00
CA GLU C 156 12.89 3.61 6.35
C GLU C 156 12.84 3.48 4.82
N ALA C 157 13.81 2.78 4.26
CA ALA C 157 13.89 2.60 2.81
C ALA C 157 12.82 1.67 2.22
N VAL C 158 12.31 0.75 3.04
CA VAL C 158 11.24 -0.17 2.61
C VAL C 158 9.88 0.51 2.61
N ALA C 159 9.58 1.25 3.68
CA ALA C 159 8.31 1.97 3.83
C ALA C 159 8.17 3.06 2.77
N ARG C 160 9.29 3.58 2.29
CA ARG C 160 9.29 4.53 1.19
C ARG C 160 8.65 3.84 -0.03
N ARG C 161 9.08 2.61 -0.28
CA ARG C 161 8.48 1.78 -1.35
C ARG C 161 8.27 2.50 -2.68
N LYS D 2 8.99 17.61 -10.42
CA LYS D 2 8.61 16.69 -9.37
C LYS D 2 8.42 15.31 -9.91
N ALA D 3 8.16 14.35 -9.06
CA ALA D 3 8.22 12.98 -9.48
C ALA D 3 6.96 12.13 -9.44
N PRO D 4 6.89 11.26 -10.42
CA PRO D 4 5.82 10.32 -10.62
C PRO D 4 5.97 9.05 -9.89
N SER D 5 4.88 8.35 -9.79
CA SER D 5 4.85 7.05 -9.14
C SER D 5 4.31 6.03 -10.16
N TYR D 6 4.91 4.86 -10.22
CA TYR D 6 4.41 3.85 -11.13
C TYR D 6 4.05 2.57 -10.38
N HIS D 7 3.03 1.91 -10.83
CA HIS D 7 2.83 0.58 -10.42
C HIS D 7 2.01 -0.05 -11.48
N VAL D 8 1.94 -1.35 -11.44
CA VAL D 8 1.44 -2.13 -12.51
C VAL D 8 0.16 -2.74 -12.05
N VAL D 9 -0.86 -2.71 -12.88
CA VAL D 9 -2.09 -3.41 -12.67
C VAL D 9 -2.30 -4.34 -13.83
N ARG D 10 -2.49 -5.60 -13.55
CA ARG D 10 -2.96 -6.56 -14.53
C ARG D 10 -4.46 -6.66 -14.42
N GLY D 11 -5.13 -6.20 -15.45
CA GLY D 11 -6.59 -6.18 -15.47
C GLY D 11 -7.08 -5.22 -16.52
N ASP D 12 -8.40 -5.13 -16.62
CA ASP D 12 -9.07 -4.34 -17.63
C ASP D 12 -9.03 -2.87 -17.22
N ILE D 13 -8.38 -2.05 -18.05
CA ILE D 13 -8.26 -0.61 -17.82
C ILE D 13 -9.63 0.07 -17.82
N ALA D 14 -10.63 -0.57 -18.41
CA ALA D 14 -12.00 -0.05 -18.33
C ALA D 14 -12.57 -0.11 -16.90
N THR D 15 -11.88 -0.85 -16.02
CA THR D 15 -12.29 -0.97 -14.62
C THR D 15 -11.33 -0.19 -13.74
N ALA D 16 -10.49 0.64 -14.34
CA ALA D 16 -9.53 1.45 -13.59
C ALA D 16 -10.28 2.46 -12.73
N THR D 17 -9.78 2.67 -11.52
CA THR D 17 -10.42 3.58 -10.58
C THR D 17 -9.85 4.99 -10.70
N GLU D 18 -8.69 5.09 -11.36
CA GLU D 18 -8.08 6.38 -11.65
C GLU D 18 -9.10 7.24 -12.41
N GLY D 19 -9.08 8.54 -12.18
CA GLY D 19 -10.03 9.44 -12.82
C GLY D 19 -9.70 9.69 -14.28
N VAL D 20 -8.41 9.59 -14.61
CA VAL D 20 -7.94 9.86 -15.97
C VAL D 20 -7.40 8.58 -16.60
N ILE D 21 -8.00 8.19 -17.73
CA ILE D 21 -7.54 7.00 -18.42
C ILE D 21 -7.12 7.37 -19.82
N ILE D 22 -5.99 6.82 -20.24
CA ILE D 22 -5.45 7.03 -21.58
C ILE D 22 -6.04 5.93 -22.44
N ASN D 23 -6.49 6.31 -23.63
CA ASN D 23 -6.94 5.33 -24.60
C ASN D 23 -5.87 5.16 -25.64
N ALA D 24 -5.65 3.90 -26.03
CA ALA D 24 -4.79 3.56 -27.15
C ALA D 24 -5.67 3.67 -28.38
N ALA D 25 -5.79 4.91 -28.87
CA ALA D 25 -6.75 5.27 -29.90
C ALA D 25 -6.23 5.02 -31.31
N ASN D 26 -7.15 5.04 -32.27
CA ASN D 26 -6.82 5.01 -33.69
C ASN D 26 -6.73 6.44 -34.22
N SER D 27 -6.04 6.65 -35.33
CA SER D 27 -5.98 7.99 -35.91
C SER D 27 -7.33 8.40 -36.51
N LYS D 28 -8.17 7.41 -36.80
CA LYS D 28 -9.49 7.71 -37.32
C LYS D 28 -10.55 8.01 -36.27
N GLY D 29 -10.18 7.85 -35.00
CA GLY D 29 -10.97 8.31 -33.87
C GLY D 29 -12.17 7.47 -33.49
N GLN D 30 -12.26 6.27 -34.09
CA GLN D 30 -13.41 5.41 -33.91
C GLN D 30 -13.12 4.31 -32.88
N PRO D 31 -14.15 3.82 -32.18
CA PRO D 31 -13.90 2.58 -31.47
C PRO D 31 -13.62 1.49 -32.51
N GLY D 32 -12.73 0.55 -32.26
CA GLY D 32 -12.14 0.34 -30.98
C GLY D 32 -12.26 -1.14 -30.73
N GLY D 33 -11.13 -1.84 -30.94
CA GLY D 33 -11.05 -3.25 -30.58
C GLY D 33 -10.32 -3.63 -29.31
N GLY D 34 -9.58 -2.74 -28.70
CA GLY D 34 -8.69 -3.17 -27.62
C GLY D 34 -9.06 -2.53 -26.30
N VAL D 35 -8.13 -1.80 -25.70
CA VAL D 35 -8.53 -0.96 -24.59
C VAL D 35 -9.58 0.00 -25.14
N CYS D 36 -9.44 0.35 -26.42
CA CYS D 36 -10.32 1.34 -27.05
C CYS D 36 -11.75 0.87 -27.11
N GLY D 37 -11.95 -0.41 -27.45
CA GLY D 37 -13.26 -1.04 -27.44
C GLY D 37 -13.82 -1.21 -26.04
N ALA D 38 -12.94 -1.43 -25.07
CA ALA D 38 -13.33 -1.54 -23.67
C ALA D 38 -13.75 -0.18 -23.14
N LEU D 39 -12.99 0.85 -23.48
CA LEU D 39 -13.28 2.18 -23.00
C LEU D 39 -14.52 2.75 -23.67
N TYR D 40 -14.75 2.37 -24.92
CA TYR D 40 -15.98 2.78 -25.58
C TYR D 40 -17.24 2.10 -25.02
N LYS D 41 -17.13 0.81 -24.70
CA LYS D 41 -18.20 0.06 -24.04
C LYS D 41 -18.65 0.70 -22.72
N LYS D 42 -17.72 1.15 -21.92
CA LYS D 42 -18.00 1.74 -20.65
C LYS D 42 -18.25 3.21 -20.70
N PHE D 43 -17.38 3.95 -21.33
CA PHE D 43 -17.46 5.41 -21.36
C PHE D 43 -17.55 5.98 -22.77
N PRO D 44 -18.70 5.82 -23.43
CA PRO D 44 -18.82 6.35 -24.78
C PRO D 44 -18.90 7.88 -24.80
N GLU D 45 -19.39 8.44 -23.69
CA GLU D 45 -19.51 9.88 -23.51
C GLU D 45 -18.14 10.55 -23.47
N SER D 46 -17.11 9.76 -23.16
CA SER D 46 -15.75 10.27 -23.06
C SER D 46 -14.99 10.09 -24.37
N PHE D 47 -15.73 10.00 -25.48
CA PHE D 47 -15.17 9.99 -26.81
C PHE D 47 -15.77 11.13 -27.59
N ASP D 48 -14.98 11.77 -28.44
CA ASP D 48 -15.52 12.83 -29.32
C ASP D 48 -15.73 12.32 -30.77
N LEU D 49 -15.08 11.21 -31.11
CA LEU D 49 -15.29 10.50 -32.38
C LEU D 49 -14.66 11.21 -33.58
N GLN D 50 -13.83 12.21 -33.28
CA GLN D 50 -13.09 12.92 -34.31
C GLN D 50 -11.66 12.37 -34.44
N PRO D 51 -11.08 12.45 -35.63
CA PRO D 51 -9.72 11.95 -35.83
C PRO D 51 -8.65 12.63 -34.95
N ILE D 52 -7.59 11.88 -34.68
CA ILE D 52 -6.41 12.39 -33.97
C ILE D 52 -5.20 12.08 -34.86
N GLU D 53 -4.23 12.94 -34.90
CA GLU D 53 -3.01 12.61 -35.57
C GLU D 53 -2.17 11.56 -34.92
N VAL D 54 -1.49 10.81 -35.74
CA VAL D 54 -0.62 9.81 -35.15
C VAL D 54 0.40 10.57 -34.29
N GLY D 55 0.64 10.04 -33.09
CA GLY D 55 1.61 10.65 -32.17
C GLY D 55 1.02 11.79 -31.36
N LYS D 56 -0.24 12.09 -31.53
CA LYS D 56 -0.88 13.12 -30.78
C LYS D 56 -1.84 12.56 -29.75
N ALA D 57 -2.44 13.42 -28.96
CA ALA D 57 -3.48 13.02 -28.03
C ALA D 57 -4.48 14.16 -27.83
N ARG D 58 -5.75 13.80 -27.60
CA ARG D 58 -6.77 14.81 -27.30
C ARG D 58 -7.47 14.39 -26.04
N LEU D 59 -7.63 15.34 -25.13
CA LEU D 59 -8.37 15.08 -23.90
C LEU D 59 -9.85 15.13 -24.17
N VAL D 60 -10.58 14.19 -23.57
CA VAL D 60 -12.04 14.27 -23.53
C VAL D 60 -12.49 14.16 -22.09
N LYS D 61 -13.18 15.20 -21.65
CA LYS D 61 -13.68 15.30 -20.28
C LYS D 61 -15.06 14.69 -20.15
N GLY D 62 -15.15 13.55 -19.48
CA GLY D 62 -16.42 12.86 -19.31
C GLY D 62 -16.82 12.90 -17.87
N ALA D 63 -18.14 12.90 -17.64
CA ALA D 63 -18.68 12.96 -16.29
C ALA D 63 -18.19 11.78 -15.44
N ALA D 64 -18.10 10.59 -16.03
CA ALA D 64 -17.60 9.44 -15.30
C ALA D 64 -16.08 9.36 -15.36
N LYS D 65 -15.50 9.82 -16.46
CA LYS D 65 -14.12 9.53 -16.77
C LYS D 65 -13.54 10.58 -17.70
N HIS D 66 -12.34 11.04 -17.38
CA HIS D 66 -11.55 11.86 -18.29
C HIS D 66 -10.65 10.91 -19.09
N ILE D 67 -10.73 11.01 -20.41
CA ILE D 67 -10.00 10.07 -21.25
C ILE D 67 -9.11 10.78 -22.23
N ILE D 68 -7.82 10.48 -22.14
CA ILE D 68 -6.86 11.03 -23.07
C ILE D 68 -6.71 10.01 -24.21
N HIS D 69 -7.14 10.41 -25.40
CA HIS D 69 -7.05 9.54 -26.55
C HIS D 69 -5.71 9.76 -27.21
N ALA D 70 -4.81 8.81 -27.05
CA ALA D 70 -3.46 8.90 -27.60
C ALA D 70 -3.35 7.96 -28.78
N VAL D 71 -2.73 8.41 -29.86
CA VAL D 71 -2.55 7.53 -31.00
C VAL D 71 -1.10 7.11 -31.18
N GLY D 72 -0.84 5.85 -30.86
CA GLY D 72 0.47 5.26 -31.11
C GLY D 72 0.57 4.83 -32.55
N PRO D 73 1.78 4.52 -33.02
CA PRO D 73 1.93 4.07 -34.38
C PRO D 73 1.36 2.67 -34.58
N ASN D 74 0.83 2.42 -35.78
CA ASN D 74 0.45 1.09 -36.18
C ASN D 74 1.61 0.43 -36.90
N PHE D 75 2.38 -0.37 -36.17
CA PHE D 75 3.54 -1.06 -36.72
C PHE D 75 3.20 -2.10 -37.80
N ASN D 76 1.91 -2.26 -38.10
CA ASN D 76 1.52 -2.97 -39.31
C ASN D 76 1.76 -2.11 -40.55
N LYS D 77 1.62 -0.79 -40.41
CA LYS D 77 1.69 0.15 -41.53
C LYS D 77 3.01 0.94 -41.62
N VAL D 78 3.65 1.17 -40.48
CA VAL D 78 4.78 2.10 -40.41
C VAL D 78 6.12 1.43 -40.14
N SER D 79 7.19 2.07 -40.61
CA SER D 79 8.54 1.57 -40.41
C SER D 79 8.91 1.53 -38.92
N GLU D 80 9.94 0.76 -38.58
CA GLU D 80 10.41 0.67 -37.20
C GLU D 80 10.89 2.03 -36.70
N VAL D 81 11.59 2.75 -37.57
CA VAL D 81 12.13 4.07 -37.25
C VAL D 81 11.03 5.12 -37.03
N GLU D 82 10.13 5.23 -38.00
CA GLU D 82 9.05 6.21 -37.92
C GLU D 82 8.10 5.85 -36.78
N GLY D 83 7.75 4.57 -36.69
CA GLY D 83 6.93 4.07 -35.61
C GLY D 83 7.50 4.43 -34.26
N ASP D 84 8.79 4.17 -34.04
CA ASP D 84 9.41 4.46 -32.75
C ASP D 84 9.38 5.93 -32.43
N LYS D 85 9.57 6.74 -33.46
CA LYS D 85 9.50 8.17 -33.32
C LYS D 85 8.14 8.59 -32.81
N GLN D 86 7.11 7.95 -33.35
CA GLN D 86 5.73 8.31 -33.09
C GLN D 86 5.25 7.80 -31.73
N LEU D 87 5.80 6.66 -31.31
CA LEU D 87 5.53 6.12 -29.98
C LEU D 87 6.00 7.09 -28.89
N ALA D 88 7.24 7.56 -29.02
CA ALA D 88 7.72 8.64 -28.15
C ALA D 88 6.81 9.87 -28.16
N GLU D 89 6.40 10.32 -29.34
CA GLU D 89 5.57 11.50 -29.51
C GLU D 89 4.21 11.41 -28.80
N ALA D 90 3.62 10.23 -28.83
CA ALA D 90 2.29 9.97 -28.30
C ALA D 90 2.33 10.03 -26.77
N TYR D 91 3.34 9.38 -26.21
CA TYR D 91 3.57 9.48 -24.78
C TYR D 91 3.91 10.91 -24.36
N GLU D 92 4.70 11.60 -25.14
CA GLU D 92 5.03 12.98 -24.94
C GLU D 92 3.79 13.85 -25.06
N SER D 93 2.84 13.49 -25.91
CA SER D 93 1.55 14.17 -26.03
C SER D 93 0.69 13.97 -24.80
N ILE D 94 0.73 12.75 -24.24
CA ILE D 94 -0.03 12.40 -23.03
C ILE D 94 0.44 13.27 -21.86
N ALA D 95 1.75 13.24 -21.63
CA ALA D 95 2.41 14.02 -20.59
C ALA D 95 2.04 15.50 -20.66
N LYS D 96 2.03 16.04 -21.88
CA LYS D 96 1.65 17.44 -22.11
C LYS D 96 0.24 17.70 -21.57
N ILE D 97 -0.67 16.76 -21.82
CA ILE D 97 -2.07 16.91 -21.39
C ILE D 97 -2.17 16.74 -19.88
N VAL D 98 -1.37 15.81 -19.36
CA VAL D 98 -1.35 15.49 -17.92
C VAL D 98 -0.80 16.63 -17.07
N ASN D 99 0.15 17.37 -17.64
CA ASN D 99 0.73 18.53 -16.97
C ASN D 99 -0.14 19.77 -17.02
N ASP D 100 -0.72 20.02 -18.18
CA ASP D 100 -1.54 21.23 -18.40
C ASP D 100 -2.83 21.20 -17.60
N ASN D 101 -3.18 20.01 -17.11
CA ASN D 101 -4.41 19.78 -16.37
C ASN D 101 -4.14 19.40 -14.92
N ASN D 102 -2.87 19.42 -14.54
CA ASN D 102 -2.46 18.98 -13.21
C ASN D 102 -3.14 17.68 -12.80
N TYR D 103 -3.06 16.67 -13.66
CA TYR D 103 -3.69 15.39 -13.35
C TYR D 103 -2.77 14.58 -12.45
N LYS D 104 -3.23 14.29 -11.22
CA LYS D 104 -2.38 13.59 -10.25
C LYS D 104 -2.51 12.06 -10.31
N SER D 105 -3.66 11.57 -10.73
CA SER D 105 -3.88 10.13 -10.81
C SER D 105 -4.27 9.75 -12.23
N VAL D 106 -3.59 8.75 -12.79
CA VAL D 106 -3.70 8.44 -14.23
C VAL D 106 -3.53 6.94 -14.49
N ALA D 107 -4.31 6.40 -15.42
CA ALA D 107 -4.14 5.00 -15.87
C ALA D 107 -3.76 4.94 -17.34
N ILE D 108 -2.79 4.08 -17.66
CA ILE D 108 -2.21 4.05 -19.00
C ILE D 108 -1.90 2.64 -19.48
N PRO D 109 -2.34 2.31 -20.70
CA PRO D 109 -1.98 1.04 -21.27
C PRO D 109 -0.66 1.20 -22.04
N LEU D 110 -0.13 0.11 -22.59
CA LEU D 110 1.11 0.21 -23.36
C LEU D 110 0.79 0.39 -24.84
N LEU D 111 0.77 1.66 -25.26
CA LEU D 111 0.52 2.03 -26.65
C LEU D 111 1.28 1.11 -27.61
N SER D 112 0.62 0.71 -28.70
CA SER D 112 1.27 0.00 -29.79
C SER D 112 1.78 -1.41 -29.47
N THR D 113 1.33 -1.99 -28.34
CA THR D 113 1.75 -3.34 -27.97
C THR D 113 0.68 -4.38 -28.24
N GLY D 114 -0.46 -3.95 -28.77
CA GLY D 114 -1.55 -4.88 -29.03
C GLY D 114 -1.90 -4.97 -30.50
N ILE D 115 -2.97 -4.31 -30.87
CA ILE D 115 -3.51 -4.31 -32.23
C ILE D 115 -2.56 -3.58 -33.21
N PHE D 116 -1.79 -2.63 -32.69
CA PHE D 116 -0.86 -1.83 -33.48
C PHE D 116 0.56 -2.35 -33.40
N SER D 117 0.75 -3.48 -32.72
CA SER D 117 2.09 -4.00 -32.48
C SER D 117 2.78 -4.59 -33.72
N GLY D 118 1.99 -4.99 -34.71
CA GLY D 118 2.51 -5.62 -35.91
C GLY D 118 3.07 -6.99 -35.58
N ASN D 119 2.44 -7.64 -34.60
CA ASN D 119 2.86 -8.93 -34.08
C ASN D 119 4.31 -9.03 -33.58
N LYS D 120 4.75 -8.06 -32.80
CA LYS D 120 6.04 -8.02 -32.15
C LYS D 120 5.89 -7.77 -30.69
N ASP D 121 6.75 -8.33 -29.86
CA ASP D 121 6.78 -7.97 -28.46
C ASP D 121 7.39 -6.59 -28.41
N ARG D 122 6.66 -5.63 -27.85
CA ARG D 122 7.16 -4.26 -27.78
C ARG D 122 6.94 -3.67 -26.40
N LEU D 123 6.83 -4.54 -25.41
CA LEU D 123 6.61 -4.13 -24.02
C LEU D 123 7.67 -3.10 -23.62
N THR D 124 8.95 -3.48 -23.80
CA THR D 124 10.07 -2.64 -23.41
C THR D 124 10.06 -1.34 -24.20
N GLN D 125 9.96 -1.47 -25.52
CA GLN D 125 9.96 -0.32 -26.40
C GLN D 125 8.88 0.70 -25.96
N SER D 126 7.65 0.23 -25.78
CA SER D 126 6.54 1.09 -25.42
C SER D 126 6.71 1.63 -24.01
N LEU D 127 7.07 0.73 -23.08
CA LEU D 127 7.24 1.11 -21.68
C LEU D 127 8.27 2.20 -21.53
N ASN D 128 9.40 2.06 -22.25
CA ASN D 128 10.49 3.01 -22.18
C ASN D 128 10.06 4.40 -22.59
N HIS D 129 9.21 4.47 -23.61
CA HIS D 129 8.66 5.75 -24.02
C HIS D 129 7.66 6.27 -23.01
N LEU D 130 6.86 5.37 -22.44
CA LEU D 130 5.94 5.73 -21.35
C LEU D 130 6.68 6.35 -20.15
N LEU D 131 7.77 5.71 -19.73
CA LEU D 131 8.53 6.13 -18.56
C LEU D 131 9.26 7.43 -18.82
N THR D 132 9.92 7.53 -19.96
CA THR D 132 10.55 8.78 -20.39
C THR D 132 9.57 9.93 -20.33
N ALA D 133 8.40 9.76 -20.92
CA ALA D 133 7.42 10.85 -20.98
C ALA D 133 6.80 11.18 -19.62
N LEU D 134 6.30 10.15 -18.95
CA LEU D 134 5.56 10.35 -17.71
C LEU D 134 6.47 10.79 -16.59
N ASP D 135 7.77 10.52 -16.75
CA ASP D 135 8.80 11.13 -15.90
C ASP D 135 8.80 12.66 -15.92
N THR D 136 8.15 13.28 -16.90
CA THR D 136 8.02 14.75 -16.92
C THR D 136 6.78 15.22 -16.18
N THR D 137 6.15 14.34 -15.41
CA THR D 137 4.89 14.64 -14.69
C THR D 137 4.93 14.44 -13.15
N ASP D 138 3.79 14.71 -12.53
CA ASP D 138 3.58 14.56 -11.10
C ASP D 138 2.74 13.33 -10.81
N ALA D 139 2.20 12.72 -11.87
CA ALA D 139 1.12 11.74 -11.74
C ALA D 139 1.55 10.44 -11.09
N ASP D 140 0.61 9.82 -10.38
CA ASP D 140 0.74 8.46 -9.91
C ASP D 140 0.17 7.61 -11.03
N VAL D 141 1.07 6.94 -11.74
CA VAL D 141 0.71 6.26 -12.97
C VAL D 141 0.44 4.79 -12.71
N ALA D 142 -0.75 4.34 -13.10
CA ALA D 142 -1.08 2.91 -13.12
C ALA D 142 -0.86 2.39 -14.55
N ILE D 143 0.01 1.39 -14.68
CA ILE D 143 0.33 0.81 -15.97
C ILE D 143 -0.46 -0.47 -16.14
N TYR D 144 -1.38 -0.45 -17.09
CA TYR D 144 -2.29 -1.56 -17.29
C TYR D 144 -1.81 -2.51 -18.36
N CYS D 145 -2.00 -3.79 -18.09
CA CYS D 145 -1.57 -4.87 -18.95
C CYS D 145 -2.52 -6.05 -18.76
N ARG D 146 -2.47 -7.02 -19.67
CA ARG D 146 -3.39 -8.16 -19.57
CA ARG D 146 -3.39 -8.16 -19.60
C ARG D 146 -2.70 -9.52 -19.46
N ASP D 147 -1.49 -9.65 -20.03
CA ASP D 147 -0.76 -10.92 -19.97
C ASP D 147 -0.06 -11.17 -18.63
N LYS D 148 0.12 -12.44 -18.29
CA LYS D 148 0.82 -12.81 -17.07
C LYS D 148 2.32 -12.54 -17.19
N LYS D 149 2.95 -13.20 -18.16
CA LYS D 149 4.38 -13.03 -18.41
C LYS D 149 4.78 -11.55 -18.48
N TRP D 150 3.89 -10.72 -19.06
CA TRP D 150 4.14 -9.29 -19.21
C TRP D 150 4.15 -8.54 -17.90
N GLU D 151 3.23 -8.92 -17.00
CA GLU D 151 3.08 -8.25 -15.71
C GLU D 151 4.38 -8.28 -14.90
N MET D 152 4.97 -9.47 -14.80
CA MET D 152 6.24 -9.64 -14.09
C MET D 152 7.31 -8.78 -14.72
N THR D 153 7.50 -8.96 -16.03
CA THR D 153 8.45 -8.16 -16.80
C THR D 153 8.19 -6.67 -16.58
N LEU D 154 6.91 -6.30 -16.51
CA LEU D 154 6.55 -4.92 -16.27
C LEU D 154 6.87 -4.45 -14.85
N LYS D 155 6.49 -5.26 -13.87
CA LYS D 155 6.75 -4.95 -12.46
C LYS D 155 8.24 -4.85 -12.17
N GLU D 156 9.03 -5.66 -12.85
CA GLU D 156 10.47 -5.66 -12.76
C GLU D 156 11.13 -4.42 -13.32
N ALA D 157 10.53 -3.89 -14.38
CA ALA D 157 11.06 -2.69 -15.04
C ALA D 157 10.74 -1.43 -14.26
N VAL D 158 9.56 -1.42 -13.65
CA VAL D 158 9.11 -0.30 -12.82
C VAL D 158 9.99 -0.17 -11.58
N ALA D 159 10.38 -1.32 -11.03
CA ALA D 159 11.24 -1.38 -9.85
C ALA D 159 12.67 -0.90 -10.13
N ARG D 160 13.15 -1.16 -11.36
CA ARG D 160 14.49 -0.75 -11.77
C ARG D 160 14.62 0.78 -11.70
N ARG D 161 13.62 1.49 -12.23
CA ARG D 161 13.53 2.96 -12.16
C ARG D 161 13.95 3.50 -10.79
N1 APR E . -14.93 -17.22 -2.16
C2 APR E . -15.14 -15.89 -2.00
N3 APR E . -16.31 -15.35 -1.64
C4 APR E . -17.37 -16.16 -1.42
C5 APR E . -17.24 -17.61 -1.56
C6 APR E . -15.92 -18.12 -1.95
N6 APR E . -15.71 -19.44 -2.12
N7 APR E . -18.43 -18.15 -1.28
C8 APR E . -19.27 -17.13 -0.97
N9 APR E . -18.63 -15.95 -1.06
C1' APR E . -19.15 -14.60 -0.79
C2' APR E . -20.65 -14.55 -0.71
O2' APR E . -21.23 -14.26 -1.97
C3' APR E . -20.83 -13.44 0.31
O3' APR E . -20.74 -12.17 -0.31
O4' APR E . -18.66 -14.27 0.51
C4' APR E . -19.62 -13.53 1.22
C5' APR E . -19.90 -14.17 2.58
O5' APR E . -20.98 -15.08 2.47
PA APR E . -21.06 -16.41 3.37
O1A APR E . -19.93 -17.30 2.93
O2A APR E . -22.48 -16.90 3.28
O3A APR E . -20.79 -15.92 4.87
PB APR E . -21.89 -15.22 5.80
O1B APR E . -21.16 -14.51 6.91
O2B APR E . -22.86 -14.48 4.94
O5D APR E . -22.64 -16.47 6.45
C5D APR E . -21.90 -17.36 7.30
O4D APR E . -22.61 -19.38 6.18
O1D APR E . -21.48 -21.31 5.43
C1D APR E . -22.18 -20.71 6.49
O2D APR E . -20.91 -21.75 8.27
C2D APR E . -21.24 -20.52 7.65
O3D APR E . -23.20 -20.37 9.04
C3D APR E . -22.12 -19.61 8.49
C4D APR E . -22.68 -18.66 7.42
N1 APR F . 4.14 15.75 17.12
C2 APR F . 2.95 15.12 17.15
N3 APR F . 2.18 15.05 18.24
C4 APR F . 2.58 15.64 19.41
C5 APR F . 3.85 16.37 19.45
C6 APR F . 4.65 16.40 18.20
N6 APR F . 5.83 17.04 18.17
N7 APR F . 3.98 16.86 20.70
C8 APR F . 2.88 16.48 21.41
N9 APR F . 2.07 15.75 20.63
C1' APR F . 0.75 15.19 20.97
C2' APR F . 0.50 14.99 22.45
O2' APR F . 0.78 13.64 22.83
C3' APR F . -0.98 15.31 22.54
O3' APR F . -1.73 14.10 22.26
O4' APR F . -0.18 16.16 20.50
C4' APR F . -1.24 16.34 21.43
C5' APR F . -1.25 17.81 21.84
O5' APR F . -0.54 18.01 23.07
PA APR F . 0.29 19.33 23.46
O1A APR F . 1.30 19.62 22.39
O2A APR F . 0.78 19.14 24.87
O3A APR F . -0.79 20.52 23.31
PB APR F . -2.01 20.76 24.33
O1B APR F . -3.12 21.34 23.49
O2B APR F . -2.23 19.56 25.20
O5D APR F . -1.43 21.90 25.30
C5D APR F . -1.08 23.17 24.79
O4D APR F . 1.22 22.93 25.46
O1D APR F . 3.47 23.38 24.98
C1D APR F . 2.27 23.90 25.49
O2D APR F . 2.43 26.17 24.57
C2D APR F . 1.66 24.98 24.62
O3D APR F . 0.73 25.75 26.63
C3D APR F . 0.38 25.15 25.38
C4D APR F . 0.02 23.70 25.67
N1 APR G . 22.05 -13.16 10.25
C2 APR G . 21.61 -12.09 9.55
N3 APR G . 22.43 -11.26 8.87
C4 APR G . 23.77 -11.48 8.87
C5 APR G . 24.32 -12.62 9.60
C6 APR G . 23.36 -13.49 10.30
N6 APR G . 23.79 -14.57 11.01
N7 APR G . 25.66 -12.59 9.42
C8 APR G . 25.94 -11.52 8.63
N9 APR G . 24.81 -10.85 8.33
C1' APR G . 24.66 -9.67 7.45
C2' APR G . 25.95 -8.93 7.20
O2' APR G . 26.09 -7.89 8.15
C3' APR G . 25.79 -8.46 5.76
O3' APR G . 25.09 -7.24 5.68
O4' APR G . 24.27 -10.20 6.18
C4' APR G . 24.86 -9.47 5.11
C5' APR G . 25.54 -10.39 4.12
O5' APR G . 26.81 -10.73 4.63
PA APR G . 27.55 -12.11 4.28
O1A APR G . 26.88 -13.22 5.02
O2A APR G . 29.01 -11.78 4.51
O3A APR G . 27.23 -12.41 2.74
PB APR G . 28.00 -11.84 1.46
O1B APR G . 27.10 -12.16 0.32
O2B APR G . 28.43 -10.42 1.69
O5D APR G . 29.32 -12.72 1.36
C5D APR G . 29.22 -14.07 0.95
O4D APR G . 30.59 -14.80 2.78
O1D APR G . 30.53 -16.52 4.42
C1D APR G . 30.91 -16.16 3.10
O2D APR G . 30.45 -18.33 2.05
C2D APR G . 30.11 -16.95 2.08
O3D APR G . 31.88 -16.54 0.58
C3D APR G . 30.53 -16.20 0.85
C4D APR G . 30.50 -14.76 1.35
N1 APR H . -7.27 -3.45 -20.39
C2 APR H . -5.93 -3.34 -20.25
N3 APR H . -5.04 -3.64 -21.21
C4 APR H . -5.49 -4.10 -22.41
C5 APR H . -6.93 -4.25 -22.65
C6 APR H . -7.83 -3.90 -21.53
N6 APR H . -9.17 -4.03 -21.66
N7 APR H . -7.06 -4.71 -23.90
C8 APR H . -5.82 -4.84 -24.42
N9 APR H . -4.88 -4.47 -23.53
C1' APR H . -3.42 -4.43 -23.68
C2' APR H . -2.90 -5.18 -24.88
O2' APR H . -2.63 -6.54 -24.51
C3' APR H . -1.66 -4.37 -25.24
O3' APR H . -0.49 -4.74 -24.49
O4' APR H . -3.05 -3.07 -23.90
C4' APR H . -2.00 -2.95 -24.84
C5' APR H . -2.44 -2.09 -26.00
O5' APR H . -3.36 -2.85 -26.77
PA APR H . -4.34 -2.17 -27.84
O1A APR H . -5.57 -1.74 -27.11
O2A APR H . -4.50 -3.18 -28.95
O3A APR H . -3.55 -0.85 -28.31
PB APR H . -2.62 -0.65 -29.61
O1B APR H . -2.01 0.72 -29.43
O2B APR H . -1.80 -1.84 -29.96
O5D APR H . -3.65 -0.57 -30.82
C5D APR H . -4.51 0.55 -30.96
O4D APR H . -6.40 -0.92 -31.48
O1D APR H . -8.59 -1.06 -30.61
C1D APR H . -7.75 -0.50 -31.61
O2D APR H . -8.87 1.67 -31.82
C2D APR H . -7.68 1.00 -31.42
O3D APR H . -6.88 1.03 -33.65
C3D APR H . -6.49 1.29 -32.31
C4D APR H . -5.57 0.14 -31.97
#